data_2FRD
#
_entry.id   2FRD
#
_cell.length_a   71.300
_cell.length_b   74.110
_cell.length_c   205.220
_cell.angle_alpha   90.00
_cell.angle_beta   90.00
_cell.angle_gamma   90.00
#
_symmetry.space_group_name_H-M   'P 21 21 21'
#
loop_
_entity.id
_entity.type
_entity.pdbx_description
1 polymer 'NAD(P) transhydrogenase subunit alpha part 1'
2 polymer 'NAD(P) transhydrogenase subunit beta'
3 non-polymer '1,4-DIHYDRONICOTINAMIDE ADENINE DINUCLEOTIDE'
4 non-polymer 'NADPH DIHYDRO-NICOTINAMIDE-ADENINE-DINUCLEOTIDE PHOSPHATE'
5 water water
#
loop_
_entity_poly.entity_id
_entity_poly.type
_entity_poly.pdbx_seq_one_letter_code
_entity_poly.pdbx_strand_id
1 'polypeptide(L)'
;MKIAIPKERRPGEDRVAISPEVVKKLVGLGFEVIVEQGAGVGASITDDALTAAGATIASTAAQALSQADVVWKVQRPMTA
EEGTDEVALIKEGAVLMCHLGALTNRPVVEALTKRKITAYAMELMPRISRAQSMDILASQSNLAGYRAVIDGAYEFARAF
PMMMTAAGTVPPARVLVFGVGVAGLQAIATAKRLGAVVMATDVRAATKEQVESLGGKFITVDDEAMKTAETAGGYAKEMG
EEFRKKQAEAVLKELVKTDIAITTALIPGKPAPVLITEEMVTKMKPGSVIIDLAVEAGGNCPLSEPGKIVVKHGVKIVGH
TNVPSRVAADASPLFAKNLLNFLTPHVDKDTKTLVMKLEDETVSGTCVTRDGAIVHPALTGQGA
;
A,B
2 'polypeptide(L)'
;MNRSIFNVILGGFGSEGGVAAAGGAAGDRSVKAGSAEDAAFIMKNASKVIIVPGYGMAVAQAQHALREMADVLKKEGVEV
SYAIHPVAGRMPGHMNVLLAEANVPYDEVFELEEINSSFQTADVAFVIGANDVTNPAAKTDPSSPIYGMPILDVEKAGTV
LFIKRSMASGYAGVENELFFRNNTMMLFGDAKKMTEQIVQAMN
;
C
#
loop_
_chem_comp.id
_chem_comp.type
_chem_comp.name
_chem_comp.formula
NAI non-polymer '1,4-DIHYDRONICOTINAMIDE ADENINE DINUCLEOTIDE' 'C21 H29 N7 O14 P2'
NDP non-polymer 'NADPH DIHYDRO-NICOTINAMIDE-ADENINE-DINUCLEOTIDE PHOSPHATE' 'C21 H30 N7 O17 P3'
#
# COMPACT_ATOMS: atom_id res chain seq x y z
N MET A 1 -26.87 -23.45 -32.21
CA MET A 1 -27.33 -22.19 -31.55
C MET A 1 -26.38 -21.03 -31.86
N LYS A 2 -26.81 -19.82 -31.54
CA LYS A 2 -26.05 -18.61 -31.84
C LYS A 2 -26.13 -17.62 -30.68
N ILE A 3 -25.03 -17.51 -29.91
CA ILE A 3 -24.99 -16.62 -28.74
C ILE A 3 -24.23 -15.32 -29.02
N ALA A 4 -24.68 -14.22 -28.41
CA ALA A 4 -24.10 -12.90 -28.66
C ALA A 4 -23.85 -12.12 -27.38
N ILE A 5 -22.76 -11.36 -27.36
CA ILE A 5 -22.38 -10.55 -26.22
C ILE A 5 -22.00 -9.15 -26.69
N PRO A 6 -22.74 -8.11 -26.25
CA PRO A 6 -22.44 -6.76 -26.67
C PRO A 6 -21.47 -6.00 -25.76
N LYS A 7 -21.01 -4.85 -26.26
CA LYS A 7 -20.32 -3.84 -25.46
C LYS A 7 -21.34 -3.24 -24.49
N GLU A 8 -20.86 -2.81 -23.32
CA GLU A 8 -21.72 -2.14 -22.33
C GLU A 8 -21.66 -0.63 -22.58
N ARG A 9 -22.78 -0.06 -23.03
CA ARG A 9 -22.89 1.39 -23.30
C ARG A 9 -23.41 2.18 -22.09
N ARG A 10 -23.58 1.52 -20.94
CA ARG A 10 -23.90 2.18 -19.69
C ARG A 10 -22.65 2.91 -19.19
N PRO A 11 -22.73 4.24 -18.96
CA PRO A 11 -21.51 4.98 -18.62
C PRO A 11 -20.88 4.50 -17.31
N GLY A 12 -19.58 4.19 -17.36
CA GLY A 12 -18.87 3.61 -16.24
C GLY A 12 -18.53 2.13 -16.47
N GLU A 13 -19.49 1.39 -17.00
CA GLU A 13 -19.34 -0.07 -17.15
C GLU A 13 -18.20 -0.49 -18.08
N ASP A 14 -17.14 -1.01 -17.47
CA ASP A 14 -16.01 -1.59 -18.20
C ASP A 14 -16.04 -3.12 -18.20
N ARG A 15 -17.04 -3.70 -17.51
CA ARG A 15 -17.18 -5.15 -17.43
C ARG A 15 -17.88 -5.71 -18.66
N VAL A 16 -17.70 -7.01 -18.85
CA VAL A 16 -18.28 -7.75 -19.98
C VAL A 16 -18.64 -9.14 -19.49
N ALA A 17 -19.69 -9.71 -20.07
CA ALA A 17 -20.06 -11.10 -19.78
C ALA A 17 -19.43 -12.03 -20.81
N ILE A 18 -18.11 -11.96 -20.96
CA ILE A 18 -17.37 -12.93 -21.79
C ILE A 18 -15.87 -12.97 -21.44
N SER A 19 -15.24 -14.11 -21.74
CA SER A 19 -13.80 -14.23 -21.70
C SER A 19 -13.36 -15.30 -22.70
N PRO A 20 -12.10 -15.23 -23.18
CA PRO A 20 -11.55 -16.24 -24.11
C PRO A 20 -11.71 -17.70 -23.65
N GLU A 21 -11.54 -17.95 -22.35
CA GLU A 21 -11.81 -19.27 -21.79
C GLU A 21 -13.28 -19.66 -21.99
N VAL A 22 -14.18 -18.71 -21.73
CA VAL A 22 -15.63 -18.97 -21.83
C VAL A 22 -16.09 -19.13 -23.30
N VAL A 23 -15.41 -18.43 -24.22
CA VAL A 23 -15.66 -18.60 -25.66
C VAL A 23 -15.36 -20.03 -26.12
N LYS A 24 -14.23 -20.58 -25.67
CA LYS A 24 -13.86 -21.96 -25.99
C LYS A 24 -14.94 -22.96 -25.56
N LYS A 25 -15.44 -22.76 -24.34
CA LYS A 25 -16.42 -23.68 -23.75
C LYS A 25 -17.76 -23.70 -24.48
N LEU A 26 -18.31 -22.50 -24.73
CA LEU A 26 -19.58 -22.35 -25.45
C LEU A 26 -19.55 -22.95 -26.87
N VAL A 27 -18.45 -22.74 -27.58
CA VAL A 27 -18.18 -23.42 -28.85
C VAL A 27 -18.25 -24.94 -28.64
N GLY A 28 -17.53 -25.41 -27.62
CA GLY A 28 -17.56 -26.82 -27.21
C GLY A 28 -18.97 -27.36 -26.94
N LEU A 29 -19.83 -26.51 -26.38
CA LEU A 29 -21.24 -26.86 -26.16
C LEU A 29 -22.05 -26.85 -27.47
N GLY A 30 -21.77 -25.88 -28.32
CA GLY A 30 -22.47 -25.73 -29.60
C GLY A 30 -23.15 -24.38 -29.70
N PHE A 31 -22.34 -23.32 -29.58
CA PHE A 31 -22.81 -21.95 -29.70
C PHE A 31 -21.88 -21.18 -30.63
N GLU A 32 -22.46 -20.55 -31.64
CA GLU A 32 -21.73 -19.58 -32.45
C GLU A 32 -21.65 -18.29 -31.62
N VAL A 33 -20.46 -17.96 -31.14
CA VAL A 33 -20.25 -16.84 -30.20
C VAL A 33 -19.89 -15.56 -30.95
N ILE A 34 -20.81 -14.59 -30.97
CA ILE A 34 -20.53 -13.29 -31.59
C ILE A 34 -20.29 -12.25 -30.49
N VAL A 35 -19.30 -11.38 -30.72
CA VAL A 35 -18.92 -10.32 -29.79
C VAL A 35 -18.80 -9.02 -30.58
N GLU A 36 -18.83 -7.89 -29.89
CA GLU A 36 -18.74 -6.57 -30.52
C GLU A 36 -17.28 -6.08 -30.68
N GLN A 37 -17.10 -5.17 -31.63
CA GLN A 37 -15.78 -4.63 -32.00
C GLN A 37 -15.21 -3.67 -30.95
N GLY A 38 -14.76 -4.24 -29.83
CA GLY A 38 -14.26 -3.47 -28.70
C GLY A 38 -15.00 -3.66 -27.38
N ALA A 39 -15.93 -4.63 -27.34
CA ALA A 39 -16.59 -5.01 -26.10
C ALA A 39 -15.56 -5.66 -25.19
N GLY A 40 -15.08 -4.90 -24.21
CA GLY A 40 -14.07 -5.41 -23.27
C GLY A 40 -12.66 -4.86 -23.43
N VAL A 41 -12.55 -3.66 -24.00
CA VAL A 41 -11.33 -2.86 -23.95
C VAL A 41 -11.09 -2.42 -22.50
N GLY A 42 -12.17 -2.16 -21.78
CA GLY A 42 -12.12 -1.84 -20.36
C GLY A 42 -11.80 -3.04 -19.48
N ALA A 43 -12.38 -4.19 -19.85
CA ALA A 43 -12.04 -5.47 -19.21
C ALA A 43 -10.63 -5.96 -19.56
N SER A 44 -9.99 -5.32 -20.54
CA SER A 44 -8.62 -5.63 -20.97
C SER A 44 -8.57 -6.99 -21.69
N ILE A 45 -9.56 -7.23 -22.53
CA ILE A 45 -9.66 -8.40 -23.38
C ILE A 45 -9.77 -7.94 -24.83
N THR A 46 -8.73 -8.19 -25.62
CA THR A 46 -8.71 -7.81 -27.05
C THR A 46 -9.66 -8.69 -27.85
N ASP A 47 -10.06 -8.18 -29.01
CA ASP A 47 -10.99 -8.90 -29.89
C ASP A 47 -10.34 -10.14 -30.48
N ASP A 48 -9.05 -10.06 -30.76
CA ASP A 48 -8.32 -11.16 -31.39
C ASP A 48 -8.13 -12.34 -30.44
N ALA A 49 -8.03 -12.04 -29.14
CA ALA A 49 -7.97 -13.07 -28.09
C ALA A 49 -9.29 -13.84 -27.97
N LEU A 50 -10.41 -13.15 -28.21
CA LEU A 50 -11.71 -13.80 -28.30
C LEU A 50 -11.83 -14.65 -29.57
N THR A 51 -11.27 -14.14 -30.67
CA THR A 51 -11.29 -14.84 -31.97
C THR A 51 -10.40 -16.09 -31.98
N ALA A 52 -9.30 -16.05 -31.25
CA ALA A 52 -8.43 -17.22 -31.05
C ALA A 52 -9.19 -18.38 -30.39
N ALA A 53 -10.06 -18.04 -29.44
CA ALA A 53 -10.91 -19.01 -28.75
C ALA A 53 -12.02 -19.55 -29.66
N GLY A 54 -12.44 -18.75 -30.64
CA GLY A 54 -13.41 -19.16 -31.67
C GLY A 54 -14.69 -18.33 -31.71
N ALA A 55 -14.54 -17.02 -31.54
CA ALA A 55 -15.67 -16.09 -31.57
C ALA A 55 -15.61 -15.21 -32.80
N THR A 56 -16.78 -14.88 -33.34
CA THR A 56 -16.90 -13.89 -34.41
C THR A 56 -16.87 -12.51 -33.78
N ILE A 57 -16.38 -11.53 -34.53
CA ILE A 57 -16.39 -10.13 -34.11
C ILE A 57 -17.43 -9.38 -34.98
N ALA A 58 -18.51 -8.92 -34.35
CA ALA A 58 -19.52 -8.09 -35.00
C ALA A 58 -19.03 -6.66 -35.13
N SER A 59 -19.64 -5.91 -36.04
CA SER A 59 -19.32 -4.49 -36.22
C SER A 59 -19.95 -3.66 -35.10
N THR A 60 -21.26 -3.83 -34.92
CA THR A 60 -22.06 -3.03 -33.99
C THR A 60 -22.86 -3.91 -33.03
N ALA A 61 -23.50 -3.25 -32.06
CA ALA A 61 -24.37 -3.92 -31.08
C ALA A 61 -25.56 -4.63 -31.74
N ALA A 62 -26.10 -4.01 -32.79
CA ALA A 62 -27.28 -4.53 -33.48
C ALA A 62 -26.97 -5.75 -34.31
N GLN A 63 -25.88 -5.68 -35.09
CA GLN A 63 -25.41 -6.80 -35.90
C GLN A 63 -24.97 -8.00 -35.06
N ALA A 64 -24.53 -7.73 -33.82
CA ALA A 64 -24.22 -8.79 -32.86
C ALA A 64 -25.48 -9.50 -32.34
N LEU A 65 -26.50 -8.72 -31.96
CA LEU A 65 -27.72 -9.25 -31.34
C LEU A 65 -28.80 -9.75 -32.31
N SER A 66 -28.73 -9.34 -33.57
CA SER A 66 -29.84 -9.54 -34.53
C SER A 66 -30.23 -10.99 -34.79
N GLN A 67 -29.24 -11.87 -34.90
CA GLN A 67 -29.49 -13.29 -35.12
C GLN A 67 -29.09 -14.11 -33.89
N ALA A 68 -29.31 -13.55 -32.70
CA ALA A 68 -28.82 -14.12 -31.45
C ALA A 68 -29.91 -14.90 -30.71
N ASP A 69 -29.79 -16.22 -30.70
CA ASP A 69 -30.70 -17.09 -29.96
C ASP A 69 -30.53 -16.94 -28.45
N VAL A 70 -29.32 -16.62 -28.02
CA VAL A 70 -29.02 -16.32 -26.62
C VAL A 70 -28.23 -15.02 -26.54
N VAL A 71 -28.48 -14.22 -25.51
CA VAL A 71 -27.78 -12.94 -25.29
C VAL A 71 -27.31 -12.83 -23.85
N TRP A 72 -26.00 -12.66 -23.67
CA TRP A 72 -25.40 -12.46 -22.35
C TRP A 72 -24.97 -11.02 -22.18
N LYS A 73 -25.46 -10.36 -21.13
CA LYS A 73 -25.02 -9.03 -20.74
C LYS A 73 -24.64 -9.01 -19.27
N VAL A 74 -24.01 -7.91 -18.85
CA VAL A 74 -23.66 -7.71 -17.44
C VAL A 74 -24.74 -6.86 -16.77
N GLN A 75 -24.95 -5.66 -17.30
CA GLN A 75 -26.05 -4.81 -16.87
C GLN A 75 -27.35 -5.22 -17.56
N ARG A 76 -28.46 -4.78 -16.98
CA ARG A 76 -29.76 -4.82 -17.66
C ARG A 76 -29.69 -4.01 -18.96
N PRO A 77 -30.43 -4.42 -20.01
CA PRO A 77 -30.49 -3.59 -21.20
C PRO A 77 -31.16 -2.25 -20.95
N MET A 78 -30.77 -1.24 -21.73
CA MET A 78 -31.39 0.06 -21.65
C MET A 78 -32.78 0.06 -22.31
N THR A 79 -33.74 0.68 -21.64
CA THR A 79 -35.05 0.91 -22.24
C THR A 79 -34.92 2.03 -23.26
N ALA A 80 -35.96 2.18 -24.09
CA ALA A 80 -36.00 3.24 -25.10
C ALA A 80 -35.93 4.63 -24.45
N GLU A 81 -36.66 4.79 -23.35
CA GLU A 81 -36.64 6.02 -22.53
C GLU A 81 -35.23 6.41 -22.07
N GLU A 82 -34.42 5.40 -21.75
CA GLU A 82 -33.08 5.63 -21.20
C GLU A 82 -32.09 6.21 -22.22
N GLY A 83 -32.40 6.06 -23.51
CA GLY A 83 -31.61 6.68 -24.57
C GLY A 83 -31.73 5.94 -25.89
N THR A 84 -31.26 4.70 -25.88
CA THR A 84 -31.24 3.83 -27.06
C THR A 84 -31.90 2.49 -26.74
N ASP A 85 -32.84 2.08 -27.59
CA ASP A 85 -33.68 0.90 -27.33
C ASP A 85 -32.90 -0.40 -27.56
N GLU A 86 -32.07 -0.77 -26.59
CA GLU A 86 -31.29 -2.01 -26.63
C GLU A 86 -32.17 -3.25 -26.56
N VAL A 87 -33.30 -3.15 -25.86
CA VAL A 87 -34.24 -4.27 -25.73
C VAL A 87 -34.75 -4.68 -27.11
N ALA A 88 -34.95 -3.67 -27.97
CA ALA A 88 -35.43 -3.89 -29.33
C ALA A 88 -34.39 -4.52 -30.26
N LEU A 89 -33.11 -4.27 -30.00
CA LEU A 89 -32.03 -4.90 -30.78
C LEU A 89 -32.05 -6.42 -30.63
N ILE A 90 -32.28 -6.89 -29.41
CA ILE A 90 -32.34 -8.32 -29.13
C ILE A 90 -33.50 -8.92 -29.92
N LYS A 91 -33.23 -10.02 -30.61
CA LYS A 91 -34.22 -10.68 -31.44
C LYS A 91 -35.38 -11.18 -30.57
N GLU A 92 -36.61 -10.95 -31.05
CA GLU A 92 -37.81 -11.41 -30.34
C GLU A 92 -37.90 -12.94 -30.41
N GLY A 93 -37.77 -13.57 -29.24
CA GLY A 93 -37.60 -15.03 -29.16
C GLY A 93 -36.27 -15.44 -28.53
N ALA A 94 -35.37 -14.46 -28.33
CA ALA A 94 -34.05 -14.72 -27.76
C ALA A 94 -34.12 -14.93 -26.24
N VAL A 95 -33.00 -15.40 -25.70
CA VAL A 95 -32.88 -15.67 -24.27
C VAL A 95 -31.85 -14.71 -23.69
N LEU A 96 -32.29 -13.78 -22.85
CA LEU A 96 -31.40 -12.81 -22.21
C LEU A 96 -30.91 -13.30 -20.84
N MET A 97 -29.66 -12.99 -20.51
CA MET A 97 -29.05 -13.36 -19.22
C MET A 97 -28.13 -12.27 -18.69
N CYS A 98 -28.55 -11.61 -17.61
CA CYS A 98 -27.75 -10.56 -16.97
C CYS A 98 -28.31 -10.19 -15.61
N HIS A 99 -27.58 -9.34 -14.89
CA HIS A 99 -28.10 -8.69 -13.69
C HIS A 99 -29.21 -7.73 -14.12
N LEU A 100 -30.43 -8.25 -14.21
CA LEU A 100 -31.58 -7.43 -14.58
C LEU A 100 -31.95 -6.37 -13.52
N GLY A 101 -31.62 -6.66 -12.26
CA GLY A 101 -32.06 -5.84 -11.14
C GLY A 101 -33.57 -5.79 -11.14
N ALA A 102 -34.17 -6.96 -11.30
CA ALA A 102 -35.56 -7.11 -11.71
C ALA A 102 -36.54 -6.31 -10.85
N LEU A 103 -36.50 -6.55 -9.54
CA LEU A 103 -37.48 -5.98 -8.60
C LEU A 103 -37.52 -4.45 -8.58
N THR A 104 -36.39 -3.80 -8.89
CA THR A 104 -36.36 -2.35 -9.09
C THR A 104 -36.91 -1.95 -10.45
N ASN A 105 -36.34 -2.54 -11.51
CA ASN A 105 -36.50 -2.04 -12.88
C ASN A 105 -37.59 -2.76 -13.64
N ARG A 106 -38.84 -2.47 -13.27
CA ARG A 106 -40.00 -3.10 -13.90
C ARG A 106 -40.25 -2.69 -15.37
N PRO A 107 -40.03 -1.39 -15.71
CA PRO A 107 -40.14 -0.98 -17.12
C PRO A 107 -39.24 -1.73 -18.12
N VAL A 108 -38.09 -2.21 -17.67
CA VAL A 108 -37.21 -3.05 -18.49
C VAL A 108 -37.86 -4.42 -18.78
N VAL A 109 -38.43 -5.02 -17.73
CA VAL A 109 -39.04 -6.35 -17.81
C VAL A 109 -40.33 -6.30 -18.64
N GLU A 110 -41.03 -5.17 -18.57
CA GLU A 110 -42.20 -4.90 -19.41
C GLU A 110 -41.89 -5.06 -20.90
N ALA A 111 -40.79 -4.44 -21.34
CA ALA A 111 -40.36 -4.48 -22.73
C ALA A 111 -39.96 -5.89 -23.19
N LEU A 112 -39.31 -6.65 -22.32
CA LEU A 112 -38.92 -8.04 -22.60
C LEU A 112 -40.13 -8.96 -22.72
N THR A 113 -41.16 -8.70 -21.92
CA THR A 113 -42.45 -9.40 -22.04
C THR A 113 -43.14 -9.05 -23.34
N LYS A 114 -43.05 -7.79 -23.74
CA LYS A 114 -43.72 -7.28 -24.93
C LYS A 114 -43.28 -7.95 -26.25
N ARG A 115 -42.01 -8.37 -26.32
CA ARG A 115 -41.48 -9.03 -27.54
C ARG A 115 -40.85 -10.40 -27.28
N LYS A 116 -41.55 -11.24 -26.51
CA LYS A 116 -41.28 -12.68 -26.44
C LYS A 116 -39.84 -13.06 -26.08
N ILE A 117 -39.18 -12.27 -25.24
CA ILE A 117 -37.80 -12.54 -24.82
C ILE A 117 -37.80 -13.24 -23.46
N THR A 118 -37.16 -14.41 -23.39
CA THR A 118 -37.08 -15.21 -22.17
C THR A 118 -35.88 -14.77 -21.32
N ALA A 119 -36.13 -13.81 -20.42
CA ALA A 119 -35.06 -13.10 -19.69
C ALA A 119 -34.78 -13.68 -18.30
N TYR A 120 -33.49 -13.89 -18.01
CA TYR A 120 -33.05 -14.58 -16.80
C TYR A 120 -32.25 -13.66 -15.86
N ALA A 121 -32.84 -13.37 -14.69
CA ALA A 121 -32.26 -12.44 -13.71
C ALA A 121 -31.29 -13.14 -12.77
N MET A 122 -30.00 -12.83 -12.91
CA MET A 122 -28.94 -13.55 -12.19
C MET A 122 -28.80 -13.17 -10.72
N GLU A 123 -29.30 -12.01 -10.32
CA GLU A 123 -29.23 -11.57 -8.92
C GLU A 123 -30.19 -12.37 -8.02
N LEU A 124 -31.20 -12.97 -8.64
CA LEU A 124 -32.23 -13.74 -7.93
C LEU A 124 -31.89 -15.23 -7.86
N MET A 125 -30.61 -15.54 -7.65
CA MET A 125 -30.16 -16.92 -7.50
C MET A 125 -30.55 -17.44 -6.12
N PRO A 126 -30.99 -18.71 -6.02
CA PRO A 126 -31.26 -19.25 -4.68
C PRO A 126 -29.96 -19.45 -3.89
N ARG A 127 -29.98 -19.10 -2.60
CA ARG A 127 -28.82 -19.32 -1.74
C ARG A 127 -28.70 -20.79 -1.33
N ILE A 128 -28.21 -21.61 -2.25
CA ILE A 128 -27.99 -23.05 -2.01
C ILE A 128 -26.55 -23.43 -2.33
N SER A 129 -26.02 -24.41 -1.61
CA SER A 129 -24.60 -24.76 -1.63
C SER A 129 -23.98 -24.85 -3.03
N ARG A 130 -24.70 -25.50 -3.95
CA ARG A 130 -24.22 -25.68 -5.32
C ARG A 130 -24.26 -24.41 -6.17
N ALA A 131 -25.06 -23.42 -5.77
CA ALA A 131 -25.28 -22.20 -6.55
C ALA A 131 -24.13 -21.18 -6.52
N GLN A 132 -23.19 -21.34 -5.59
CA GLN A 132 -22.00 -20.45 -5.52
C GLN A 132 -21.27 -20.34 -6.85
N SER A 133 -21.25 -21.44 -7.61
CA SER A 133 -20.80 -21.46 -9.01
C SER A 133 -21.40 -20.34 -9.87
N MET A 134 -22.71 -20.15 -9.75
CA MET A 134 -23.49 -19.26 -10.64
C MET A 134 -23.80 -17.89 -10.04
N ASP A 135 -23.57 -17.72 -8.74
CA ASP A 135 -23.90 -16.49 -8.05
C ASP A 135 -22.96 -15.33 -8.44
N ILE A 136 -23.54 -14.32 -9.07
CA ILE A 136 -22.83 -13.09 -9.45
C ILE A 136 -22.64 -12.13 -8.26
N LEU A 137 -23.58 -12.15 -7.32
CA LEU A 137 -23.50 -11.26 -6.16
C LEU A 137 -22.25 -11.53 -5.34
N ALA A 138 -21.91 -12.81 -5.15
CA ALA A 138 -20.70 -13.19 -4.43
C ALA A 138 -19.43 -12.85 -5.22
N SER A 139 -19.35 -13.34 -6.45
CA SER A 139 -18.14 -13.16 -7.28
C SER A 139 -17.77 -11.69 -7.38
N GLN A 140 -18.75 -10.85 -7.67
CA GLN A 140 -18.53 -9.42 -7.81
C GLN A 140 -18.25 -8.74 -6.46
N SER A 141 -18.96 -9.13 -5.41
CA SER A 141 -18.74 -8.51 -4.09
C SER A 141 -17.41 -8.92 -3.43
N ASN A 142 -16.85 -10.07 -3.79
CA ASN A 142 -15.51 -10.43 -3.30
C ASN A 142 -14.49 -9.43 -3.84
N LEU A 143 -14.58 -9.12 -5.13
CA LEU A 143 -13.71 -8.10 -5.74
C LEU A 143 -14.01 -6.69 -5.24
N ALA A 144 -15.23 -6.46 -4.79
CA ALA A 144 -15.62 -5.18 -4.19
C ALA A 144 -15.03 -5.02 -2.79
N GLY A 145 -14.79 -6.14 -2.12
CA GLY A 145 -14.18 -6.14 -0.78
C GLY A 145 -12.68 -5.86 -0.80
N TYR A 146 -12.00 -6.45 -1.79
CA TYR A 146 -10.60 -6.17 -2.04
C TYR A 146 -10.38 -4.69 -2.30
N ARG A 147 -11.11 -4.16 -3.28
CA ARG A 147 -10.87 -2.78 -3.71
C ARG A 147 -11.32 -1.71 -2.71
N ALA A 148 -12.24 -2.07 -1.83
CA ALA A 148 -12.58 -1.19 -0.70
C ALA A 148 -11.29 -0.69 -0.05
N VAL A 149 -10.41 -1.65 0.23
CA VAL A 149 -9.14 -1.41 0.92
C VAL A 149 -8.17 -0.57 0.06
N ILE A 150 -8.14 -0.83 -1.25
CA ILE A 150 -7.28 -0.04 -2.16
C ILE A 150 -7.77 1.41 -2.28
N ASP A 151 -9.09 1.60 -2.43
CA ASP A 151 -9.68 2.93 -2.41
C ASP A 151 -9.43 3.62 -1.07
N GLY A 152 -9.55 2.85 0.00
CA GLY A 152 -9.19 3.31 1.34
C GLY A 152 -7.75 3.75 1.40
N ALA A 153 -6.84 2.88 0.98
CA ALA A 153 -5.42 3.20 0.93
C ALA A 153 -5.12 4.42 0.06
N TYR A 154 -5.83 4.54 -1.06
CA TYR A 154 -5.61 5.64 -2.00
C TYR A 154 -6.01 6.98 -1.42
N GLU A 155 -7.08 7.00 -0.62
CA GLU A 155 -7.55 8.24 -0.04
C GLU A 155 -6.85 8.57 1.27
N PHE A 156 -6.36 7.53 1.95
CA PHE A 156 -5.71 7.69 3.26
C PHE A 156 -4.31 8.29 3.09
N ALA A 157 -4.07 9.38 3.82
CA ALA A 157 -2.78 10.11 3.72
C ALA A 157 -1.67 9.56 4.62
N ARG A 158 -1.90 8.38 5.23
CA ARG A 158 -0.83 7.62 5.88
C ARG A 158 -0.66 6.27 5.21
N ALA A 159 0.40 5.56 5.58
CA ALA A 159 0.67 4.24 5.05
C ALA A 159 0.04 3.21 5.98
N PHE A 160 -0.32 2.07 5.42
CA PHE A 160 -0.99 1.00 6.16
C PHE A 160 -0.09 0.28 7.18
N PRO A 161 1.07 -0.23 6.73
CA PRO A 161 1.86 -1.12 7.58
C PRO A 161 2.77 -0.42 8.59
N MET A 162 3.00 -1.09 9.71
CA MET A 162 4.04 -0.70 10.65
C MET A 162 5.44 -0.79 10.03
N MET A 163 6.21 0.28 10.12
CA MET A 163 7.59 0.32 9.63
C MET A 163 8.52 0.92 10.68
N MET A 164 9.48 0.13 11.15
CA MET A 164 10.52 0.61 12.06
C MET A 164 11.58 1.30 11.19
N THR A 165 11.74 2.61 11.36
CA THR A 165 12.60 3.44 10.49
C THR A 165 13.63 4.20 11.32
N ALA A 166 14.75 4.56 10.69
CA ALA A 166 15.79 5.42 11.31
C ALA A 166 15.26 6.78 11.77
N ALA A 167 14.29 7.31 11.02
CA ALA A 167 13.58 8.55 11.37
C ALA A 167 12.39 8.30 12.30
N GLY A 168 12.16 7.04 12.67
CA GLY A 168 11.15 6.69 13.66
C GLY A 168 10.13 5.72 13.17
N THR A 169 9.29 5.23 14.09
CA THR A 169 8.31 4.20 13.77
C THR A 169 7.00 4.78 13.23
N VAL A 170 6.64 4.42 12.00
CA VAL A 170 5.30 4.72 11.50
C VAL A 170 4.42 3.61 12.06
N PRO A 171 3.28 3.97 12.68
CA PRO A 171 2.45 2.95 13.31
C PRO A 171 1.54 2.30 12.28
N PRO A 172 1.05 1.08 12.57
CA PRO A 172 0.22 0.43 11.58
C PRO A 172 -1.16 1.06 11.55
N ALA A 173 -1.80 1.01 10.40
CA ALA A 173 -3.14 1.55 10.24
C ALA A 173 -4.13 0.66 10.96
N ARG A 174 -5.20 1.27 11.43
CA ARG A 174 -6.24 0.59 12.17
C ARG A 174 -7.50 0.57 11.30
N VAL A 175 -7.87 -0.61 10.81
CA VAL A 175 -9.04 -0.76 9.95
C VAL A 175 -10.20 -1.34 10.78
N LEU A 176 -11.41 -0.87 10.49
CA LEU A 176 -12.63 -1.46 11.05
C LEU A 176 -13.60 -1.84 9.92
N VAL A 177 -13.99 -3.12 9.90
CA VAL A 177 -14.87 -3.68 8.87
C VAL A 177 -16.28 -3.92 9.43
N PHE A 178 -17.26 -3.23 8.84
CA PHE A 178 -18.66 -3.36 9.25
C PHE A 178 -19.42 -4.29 8.30
N GLY A 179 -19.71 -5.49 8.76
CA GLY A 179 -20.40 -6.50 7.96
C GLY A 179 -19.40 -7.43 7.31
N VAL A 180 -19.54 -8.72 7.58
CA VAL A 180 -18.51 -9.72 7.29
C VAL A 180 -19.10 -10.85 6.47
N GLY A 181 -19.41 -10.52 5.23
CA GLY A 181 -19.85 -11.49 4.24
C GLY A 181 -18.77 -11.65 3.19
N VAL A 182 -19.19 -11.91 1.96
CA VAL A 182 -18.24 -12.17 0.86
C VAL A 182 -17.25 -11.00 0.72
N ALA A 183 -17.80 -9.78 0.69
CA ALA A 183 -16.98 -8.57 0.58
C ALA A 183 -16.19 -8.27 1.86
N GLY A 184 -16.89 -8.29 2.99
CA GLY A 184 -16.29 -7.97 4.27
C GLY A 184 -15.08 -8.83 4.63
N LEU A 185 -15.16 -10.11 4.31
CA LEU A 185 -14.07 -11.04 4.57
C LEU A 185 -12.83 -10.75 3.73
N GLN A 186 -13.06 -10.36 2.47
CA GLN A 186 -11.95 -10.03 1.58
C GLN A 186 -11.25 -8.75 2.01
N ALA A 187 -12.04 -7.76 2.42
CA ALA A 187 -11.50 -6.52 2.96
C ALA A 187 -10.59 -6.76 4.16
N ILE A 188 -11.01 -7.63 5.08
CA ILE A 188 -10.15 -8.02 6.21
C ILE A 188 -8.86 -8.64 5.68
N ALA A 189 -9.00 -9.61 4.78
CA ALA A 189 -7.87 -10.32 4.22
C ALA A 189 -6.90 -9.36 3.51
N THR A 190 -7.44 -8.40 2.77
CA THR A 190 -6.64 -7.47 1.99
C THR A 190 -5.97 -6.43 2.88
N ALA A 191 -6.71 -5.88 3.85
CA ALA A 191 -6.14 -4.93 4.82
C ALA A 191 -5.02 -5.58 5.62
N LYS A 192 -5.26 -6.81 6.06
CA LYS A 192 -4.25 -7.62 6.74
C LYS A 192 -2.98 -7.75 5.90
N ARG A 193 -3.13 -8.01 4.60
CA ARG A 193 -1.98 -8.10 3.69
C ARG A 193 -1.11 -6.86 3.75
N LEU A 194 -1.72 -5.69 3.81
CA LEU A 194 -0.99 -4.41 3.82
C LEU A 194 -0.48 -4.04 5.23
N GLY A 195 -0.59 -4.94 6.19
CA GLY A 195 0.02 -4.77 7.51
C GLY A 195 -0.79 -3.97 8.50
N ALA A 196 -2.09 -3.85 8.25
CA ALA A 196 -2.99 -3.13 9.15
C ALA A 196 -3.36 -4.01 10.32
N VAL A 197 -3.99 -3.39 11.31
CA VAL A 197 -4.60 -4.09 12.44
C VAL A 197 -6.10 -4.03 12.23
N VAL A 198 -6.67 -5.16 11.83
CA VAL A 198 -8.06 -5.22 11.39
C VAL A 198 -8.96 -5.74 12.49
N MET A 199 -10.06 -5.02 12.72
CA MET A 199 -11.15 -5.49 13.58
C MET A 199 -12.47 -5.38 12.84
N ALA A 200 -13.45 -6.18 13.24
CA ALA A 200 -14.70 -6.28 12.51
C ALA A 200 -15.87 -6.63 13.40
N THR A 201 -17.07 -6.40 12.87
CA THR A 201 -18.32 -6.70 13.57
C THR A 201 -19.41 -7.14 12.59
N ASP A 202 -20.37 -7.90 13.10
CA ASP A 202 -21.48 -8.39 12.30
C ASP A 202 -22.68 -8.75 13.18
N VAL A 203 -23.86 -8.82 12.57
CA VAL A 203 -25.05 -9.36 13.20
C VAL A 203 -24.90 -10.86 13.44
N ARG A 204 -24.37 -11.56 12.44
CA ARG A 204 -24.25 -13.02 12.50
C ARG A 204 -23.17 -13.45 13.49
N ALA A 205 -23.47 -14.50 14.26
CA ALA A 205 -22.64 -14.92 15.41
C ALA A 205 -21.49 -15.84 15.00
N ALA A 206 -21.71 -16.68 14.00
CA ALA A 206 -20.69 -17.61 13.50
C ALA A 206 -19.50 -16.88 12.85
N THR A 207 -19.74 -15.62 12.46
CA THR A 207 -18.72 -14.71 11.95
C THR A 207 -17.43 -14.60 12.80
N LYS A 208 -17.56 -14.64 14.13
CA LYS A 208 -16.40 -14.52 15.01
C LYS A 208 -15.27 -15.48 14.63
N GLU A 209 -15.63 -16.71 14.28
CA GLU A 209 -14.66 -17.72 13.82
C GLU A 209 -14.04 -17.36 12.47
N GLN A 210 -14.84 -16.80 11.57
CA GLN A 210 -14.36 -16.37 10.26
C GLN A 210 -13.31 -15.27 10.35
N VAL A 211 -13.61 -14.24 11.15
CA VAL A 211 -12.73 -13.09 11.28
C VAL A 211 -11.41 -13.47 11.96
N GLU A 212 -11.49 -14.23 13.05
CA GLU A 212 -10.29 -14.68 13.77
C GLU A 212 -9.38 -15.57 12.94
N SER A 213 -9.96 -16.32 12.00
CA SER A 213 -9.18 -17.17 11.08
C SER A 213 -8.32 -16.37 10.10
N LEU A 214 -8.83 -15.23 9.66
CA LEU A 214 -8.07 -14.32 8.81
C LEU A 214 -6.95 -13.58 9.57
N GLY A 215 -7.08 -13.49 10.89
CA GLY A 215 -6.12 -12.79 11.75
C GLY A 215 -6.59 -11.44 12.25
N GLY A 216 -7.91 -11.22 12.27
CA GLY A 216 -8.51 -10.02 12.84
C GLY A 216 -9.11 -10.29 14.20
N LYS A 217 -9.59 -9.24 14.86
CA LYS A 217 -10.33 -9.36 16.13
C LYS A 217 -11.81 -9.03 15.92
N PHE A 218 -12.68 -9.78 16.59
CA PHE A 218 -14.12 -9.57 16.50
C PHE A 218 -14.58 -8.60 17.59
N ILE A 219 -15.61 -7.80 17.27
CA ILE A 219 -16.28 -6.93 18.25
C ILE A 219 -17.76 -7.33 18.25
N THR A 220 -18.27 -7.72 19.42
CA THR A 220 -19.60 -8.35 19.54
C THR A 220 -20.65 -7.41 20.15
N VAL A 221 -20.86 -6.26 19.50
CA VAL A 221 -21.95 -5.31 19.82
C VAL A 221 -22.15 -5.06 21.33
N ALA A 232 -32.86 -15.51 7.68
CA ALA A 232 -32.40 -16.84 8.05
C ALA A 232 -32.30 -17.77 6.83
N GLY A 233 -31.56 -17.31 5.82
CA GLY A 233 -31.23 -18.13 4.65
C GLY A 233 -29.90 -17.77 3.99
N GLY A 234 -28.95 -17.28 4.79
CA GLY A 234 -27.67 -16.78 4.30
C GLY A 234 -27.59 -15.26 4.21
N TYR A 235 -28.25 -14.57 5.14
CA TYR A 235 -28.30 -13.10 5.16
C TYR A 235 -28.79 -12.59 6.51
N ALA A 236 -28.40 -11.36 6.85
CA ALA A 236 -28.72 -10.78 8.16
C ALA A 236 -30.19 -10.37 8.26
N LYS A 237 -30.88 -10.90 9.27
CA LYS A 237 -32.21 -10.40 9.64
C LYS A 237 -32.04 -9.03 10.29
N GLU A 238 -32.98 -8.13 10.02
CA GLU A 238 -32.93 -6.78 10.55
C GLU A 238 -33.29 -6.78 12.03
N MET A 239 -32.52 -6.04 12.83
CA MET A 239 -32.57 -6.15 14.29
C MET A 239 -33.47 -5.11 14.95
N GLY A 240 -33.47 -3.89 14.42
CA GLY A 240 -34.22 -2.76 14.99
C GLY A 240 -33.29 -1.82 15.74
N GLU A 241 -33.83 -0.70 16.21
CA GLU A 241 -33.01 0.33 16.88
C GLU A 241 -32.62 -0.05 18.32
N GLU A 242 -33.26 -1.07 18.87
CA GLU A 242 -32.79 -1.74 20.08
C GLU A 242 -31.32 -2.14 19.92
N PHE A 243 -31.01 -2.74 18.77
CA PHE A 243 -29.68 -3.21 18.42
C PHE A 243 -28.76 -2.09 17.95
N ARG A 244 -29.29 -1.21 17.10
CA ARG A 244 -28.55 -0.06 16.56
C ARG A 244 -27.95 0.82 17.67
N LYS A 245 -28.72 1.01 18.73
CA LYS A 245 -28.27 1.75 19.92
C LYS A 245 -27.12 1.03 20.63
N LYS A 246 -27.30 -0.27 20.88
CA LYS A 246 -26.27 -1.10 21.51
C LYS A 246 -25.02 -1.23 20.62
N GLN A 247 -25.22 -1.15 19.31
CA GLN A 247 -24.14 -1.17 18.32
C GLN A 247 -23.25 0.10 18.32
N ALA A 248 -23.71 1.17 18.96
CA ALA A 248 -22.92 2.41 19.05
C ALA A 248 -21.70 2.27 19.97
N GLU A 249 -21.95 2.16 21.28
CA GLU A 249 -20.89 2.31 22.28
C GLU A 249 -19.88 1.15 22.37
N ALA A 250 -20.34 -0.06 22.09
CA ALA A 250 -19.42 -1.22 22.03
C ALA A 250 -18.33 -1.04 20.96
N VAL A 251 -18.71 -0.41 19.86
CA VAL A 251 -17.80 -0.15 18.73
C VAL A 251 -17.00 1.13 18.91
N LEU A 252 -17.59 2.12 19.59
CA LEU A 252 -17.01 3.47 19.72
C LEU A 252 -15.55 3.46 20.21
N LYS A 253 -15.24 2.57 21.16
CA LYS A 253 -13.87 2.40 21.67
C LYS A 253 -12.87 2.31 20.52
N GLU A 254 -13.12 1.39 19.60
CA GLU A 254 -12.27 1.19 18.43
C GLU A 254 -12.46 2.25 17.38
N LEU A 255 -13.71 2.61 17.10
CA LEU A 255 -14.02 3.56 16.03
C LEU A 255 -13.30 4.92 16.15
N VAL A 256 -13.07 5.38 17.38
CA VAL A 256 -12.35 6.65 17.61
C VAL A 256 -10.92 6.59 17.05
N LYS A 257 -10.15 5.65 17.58
CA LYS A 257 -8.75 5.46 17.17
C LYS A 257 -8.57 4.76 15.80
N THR A 258 -9.67 4.26 15.24
CA THR A 258 -9.67 3.61 13.92
C THR A 258 -9.41 4.61 12.80
N ASP A 259 -8.55 4.20 11.86
CA ASP A 259 -8.11 5.04 10.75
C ASP A 259 -8.99 4.89 9.52
N ILE A 260 -9.35 3.65 9.19
CA ILE A 260 -10.15 3.38 8.00
C ILE A 260 -11.36 2.50 8.35
N ALA A 261 -12.47 2.75 7.68
CA ALA A 261 -13.73 2.07 7.97
C ALA A 261 -14.43 1.61 6.69
N ILE A 262 -14.38 0.30 6.43
CA ILE A 262 -15.13 -0.30 5.33
C ILE A 262 -16.50 -0.69 5.86
N THR A 263 -17.56 -0.30 5.15
CA THR A 263 -18.94 -0.66 5.52
C THR A 263 -19.63 -1.52 4.43
N THR A 264 -19.89 -2.77 4.79
CA THR A 264 -20.39 -3.80 3.87
C THR A 264 -21.91 -4.06 3.96
N ALA A 265 -22.48 -3.82 5.14
CA ALA A 265 -23.83 -4.30 5.50
C ALA A 265 -24.94 -4.06 4.47
N LEU A 266 -25.76 -5.10 4.26
CA LEU A 266 -26.88 -5.05 3.34
C LEU A 266 -28.00 -5.98 3.81
N ILE A 267 -29.15 -5.40 4.17
CA ILE A 267 -30.38 -6.16 4.43
C ILE A 267 -31.06 -6.36 3.07
N PRO A 268 -31.17 -7.62 2.57
CA PRO A 268 -31.65 -7.88 1.21
C PRO A 268 -32.97 -7.22 0.79
N GLY A 269 -33.96 -7.20 1.67
CA GLY A 269 -35.25 -6.57 1.37
C GLY A 269 -35.21 -5.05 1.51
N LYS A 270 -34.73 -4.59 2.66
CA LYS A 270 -34.83 -3.19 3.07
C LYS A 270 -33.69 -2.37 2.49
N PRO A 271 -33.75 -1.02 2.63
CA PRO A 271 -32.54 -0.23 2.43
C PRO A 271 -31.45 -0.56 3.45
N ALA A 272 -30.24 -0.05 3.21
CA ALA A 272 -29.06 -0.43 3.99
C ALA A 272 -29.09 0.17 5.41
N PRO A 273 -28.72 -0.64 6.42
CA PRO A 273 -28.83 -0.22 7.82
C PRO A 273 -27.79 0.79 8.26
N VAL A 274 -28.21 1.85 8.95
CA VAL A 274 -27.32 2.93 9.38
C VAL A 274 -26.44 2.50 10.56
N LEU A 275 -25.19 2.17 10.28
CA LEU A 275 -24.22 1.75 11.31
C LEU A 275 -23.35 2.90 11.78
N ILE A 276 -22.92 3.76 10.86
CA ILE A 276 -22.14 4.96 11.19
C ILE A 276 -23.00 6.20 10.95
N THR A 277 -23.48 6.81 12.03
CA THR A 277 -24.21 8.08 11.97
C THR A 277 -23.27 9.26 11.71
N GLU A 278 -23.86 10.42 11.45
CA GLU A 278 -23.11 11.68 11.35
C GLU A 278 -22.52 12.07 12.72
N GLU A 279 -23.23 11.71 13.79
CA GLU A 279 -22.78 11.94 15.16
C GLU A 279 -21.58 11.08 15.54
N MET A 280 -21.52 9.85 15.04
CA MET A 280 -20.38 8.96 15.25
C MET A 280 -19.14 9.40 14.46
N VAL A 281 -19.36 9.88 13.23
CA VAL A 281 -18.28 10.36 12.36
C VAL A 281 -17.38 11.38 13.07
N THR A 282 -17.98 12.27 13.85
CA THR A 282 -17.25 13.32 14.55
C THR A 282 -16.22 12.80 15.56
N LYS A 283 -16.50 11.64 16.17
CA LYS A 283 -15.61 11.05 17.18
C LYS A 283 -14.30 10.44 16.63
N MET A 284 -14.21 10.29 15.31
CA MET A 284 -13.04 9.68 14.66
C MET A 284 -11.89 10.68 14.53
N LYS A 285 -10.72 10.17 14.15
CA LYS A 285 -9.53 11.00 13.93
C LYS A 285 -9.71 11.87 12.68
N PRO A 286 -8.97 13.00 12.59
CA PRO A 286 -9.00 13.75 11.34
C PRO A 286 -8.17 13.06 10.25
N GLY A 287 -8.64 13.12 9.01
CA GLY A 287 -8.01 12.41 7.90
C GLY A 287 -8.31 10.92 7.87
N SER A 288 -9.33 10.50 8.61
CA SER A 288 -9.82 9.12 8.57
C SER A 288 -10.66 8.92 7.31
N VAL A 289 -10.73 7.68 6.84
CA VAL A 289 -11.47 7.36 5.62
C VAL A 289 -12.55 6.33 5.92
N ILE A 290 -13.73 6.55 5.33
CA ILE A 290 -14.83 5.60 5.39
C ILE A 290 -15.17 5.21 3.96
N ILE A 291 -15.14 3.91 3.67
CA ILE A 291 -15.57 3.38 2.37
C ILE A 291 -16.95 2.76 2.53
N ASP A 292 -17.96 3.37 1.90
CA ASP A 292 -19.34 2.87 1.97
C ASP A 292 -19.69 2.10 0.71
N LEU A 293 -19.76 0.77 0.84
CA LEU A 293 -20.04 -0.14 -0.27
C LEU A 293 -21.54 -0.24 -0.58
N ALA A 294 -22.36 -0.06 0.46
CA ALA A 294 -23.83 -0.05 0.31
C ALA A 294 -24.40 1.31 -0.12
N VAL A 295 -23.55 2.19 -0.66
CA VAL A 295 -23.96 3.54 -1.07
C VAL A 295 -25.07 3.54 -2.12
N GLU A 296 -25.05 2.56 -3.02
CA GLU A 296 -26.09 2.41 -4.05
C GLU A 296 -27.42 1.88 -3.51
N ALA A 297 -27.45 1.44 -2.25
CA ALA A 297 -28.66 0.92 -1.62
C ALA A 297 -29.01 1.66 -0.32
N GLY A 298 -28.84 2.99 -0.32
CA GLY A 298 -29.13 3.82 0.85
C GLY A 298 -27.91 4.16 1.69
N GLY A 299 -27.00 3.21 1.83
CA GLY A 299 -25.76 3.42 2.57
C GLY A 299 -25.88 3.05 4.04
N ASN A 300 -24.81 2.43 4.56
CA ASN A 300 -24.64 2.20 6.00
C ASN A 300 -24.23 3.50 6.69
N CYS A 301 -23.69 4.42 5.91
CA CYS A 301 -23.38 5.77 6.34
C CYS A 301 -24.24 6.74 5.53
N PRO A 302 -25.13 7.50 6.21
CA PRO A 302 -26.07 8.34 5.47
C PRO A 302 -25.46 9.64 4.91
N LEU A 303 -24.25 9.98 5.38
CA LEU A 303 -23.47 11.09 4.79
C LEU A 303 -22.93 10.75 3.40
N SER A 304 -22.81 9.47 3.09
CA SER A 304 -22.23 9.01 1.82
C SER A 304 -23.14 9.27 0.64
N GLU A 305 -22.58 9.86 -0.41
CA GLU A 305 -23.32 10.19 -1.62
C GLU A 305 -22.75 9.39 -2.82
N PRO A 306 -23.62 8.70 -3.58
CA PRO A 306 -23.18 7.92 -4.74
C PRO A 306 -22.40 8.72 -5.79
N GLY A 307 -21.41 8.07 -6.42
CA GLY A 307 -20.65 8.66 -7.52
C GLY A 307 -19.48 9.55 -7.12
N LYS A 308 -19.34 9.84 -5.84
CA LYS A 308 -18.44 10.90 -5.38
C LYS A 308 -18.03 10.79 -3.91
N ILE A 309 -16.87 11.37 -3.61
CA ILE A 309 -16.28 11.34 -2.27
C ILE A 309 -16.72 12.57 -1.49
N VAL A 310 -17.21 12.35 -0.27
CA VAL A 310 -17.79 13.42 0.55
C VAL A 310 -16.87 13.76 1.72
N VAL A 311 -16.16 14.89 1.61
CA VAL A 311 -15.31 15.40 2.68
C VAL A 311 -16.17 16.18 3.67
N LYS A 312 -16.32 15.65 4.88
CA LYS A 312 -17.00 16.38 5.95
C LYS A 312 -16.58 15.88 7.33
N HIS A 313 -16.54 16.79 8.30
CA HIS A 313 -16.11 16.54 9.68
C HIS A 313 -14.63 16.15 9.78
N GLY A 314 -13.83 16.66 8.83
CA GLY A 314 -12.41 16.28 8.71
C GLY A 314 -12.21 14.83 8.32
N VAL A 315 -13.21 14.24 7.66
CA VAL A 315 -13.23 12.82 7.31
C VAL A 315 -13.64 12.66 5.86
N LYS A 316 -12.86 11.87 5.11
CA LYS A 316 -13.24 11.48 3.76
C LYS A 316 -14.25 10.35 3.85
N ILE A 317 -15.33 10.46 3.06
CA ILE A 317 -16.35 9.42 2.96
C ILE A 317 -16.52 9.04 1.49
N VAL A 318 -15.86 7.95 1.09
CA VAL A 318 -15.95 7.45 -0.28
C VAL A 318 -17.22 6.63 -0.43
N GLY A 319 -17.86 6.77 -1.59
CA GLY A 319 -19.03 5.97 -1.93
C GLY A 319 -19.17 5.92 -3.44
N HIS A 320 -18.30 5.15 -4.08
CA HIS A 320 -18.39 4.94 -5.52
C HIS A 320 -19.54 4.00 -5.84
N THR A 321 -20.16 4.23 -6.99
CA THR A 321 -21.10 3.28 -7.56
C THR A 321 -20.30 2.26 -8.37
N ASN A 322 -20.81 1.03 -8.42
CA ASN A 322 -20.32 0.00 -9.34
C ASN A 322 -18.86 -0.35 -9.06
N VAL A 323 -18.60 -0.72 -7.81
CA VAL A 323 -17.23 -0.99 -7.35
C VAL A 323 -16.59 -2.15 -8.13
N PRO A 324 -17.33 -3.24 -8.38
CA PRO A 324 -16.77 -4.31 -9.20
C PRO A 324 -16.26 -3.90 -10.59
N SER A 325 -16.83 -2.87 -11.19
CA SER A 325 -16.34 -2.35 -12.48
C SER A 325 -14.95 -1.71 -12.35
N ARG A 326 -14.64 -1.20 -11.16
CA ARG A 326 -13.32 -0.64 -10.87
C ARG A 326 -12.25 -1.73 -10.87
N VAL A 327 -12.70 -2.99 -10.77
CA VAL A 327 -11.86 -4.17 -10.98
C VAL A 327 -12.38 -4.94 -12.20
N ALA A 328 -12.73 -4.21 -13.26
CA ALA A 328 -13.41 -4.78 -14.44
C ALA A 328 -12.71 -5.95 -15.11
N ALA A 329 -11.39 -6.00 -15.03
CA ALA A 329 -10.62 -7.04 -15.72
C ALA A 329 -10.64 -8.39 -14.99
N ASP A 330 -10.81 -8.34 -13.67
CA ASP A 330 -11.04 -9.55 -12.86
C ASP A 330 -12.53 -9.88 -12.76
N ALA A 331 -13.33 -8.83 -12.60
CA ALA A 331 -14.78 -8.94 -12.48
C ALA A 331 -15.45 -9.64 -13.65
N SER A 332 -15.02 -9.27 -14.85
CA SER A 332 -15.67 -9.73 -16.07
C SER A 332 -15.52 -11.24 -16.35
N PRO A 333 -14.29 -11.79 -16.34
CA PRO A 333 -14.21 -13.24 -16.60
C PRO A 333 -14.97 -14.09 -15.59
N LEU A 334 -14.99 -13.67 -14.33
CA LEU A 334 -15.73 -14.38 -13.28
C LEU A 334 -17.24 -14.29 -13.48
N PHE A 335 -17.71 -13.12 -13.91
CA PHE A 335 -19.13 -12.92 -14.24
C PHE A 335 -19.54 -13.81 -15.41
N ALA A 336 -18.70 -13.86 -16.44
CA ALA A 336 -18.89 -14.75 -17.58
C ALA A 336 -18.94 -16.23 -17.17
N LYS A 337 -18.17 -16.58 -16.15
CA LYS A 337 -18.15 -17.95 -15.64
C LYS A 337 -19.43 -18.29 -14.84
N ASN A 338 -19.92 -17.31 -14.08
CA ASN A 338 -21.25 -17.42 -13.43
C ASN A 338 -22.37 -17.71 -14.44
N LEU A 339 -22.32 -17.02 -15.57
CA LEU A 339 -23.26 -17.24 -16.68
C LEU A 339 -23.17 -18.67 -17.24
N LEU A 340 -21.94 -19.11 -17.57
CA LEU A 340 -21.71 -20.43 -18.14
C LEU A 340 -22.14 -21.54 -17.19
N ASN A 341 -21.85 -21.36 -15.91
CA ASN A 341 -22.27 -22.32 -14.88
C ASN A 341 -23.80 -22.46 -14.79
N PHE A 342 -24.52 -21.37 -15.04
CA PHE A 342 -25.99 -21.38 -15.07
C PHE A 342 -26.52 -22.05 -16.35
N LEU A 343 -25.83 -21.80 -17.46
CA LEU A 343 -26.20 -22.32 -18.78
C LEU A 343 -25.92 -23.81 -18.95
N THR A 344 -24.72 -24.23 -18.57
CA THR A 344 -24.20 -25.58 -18.89
C THR A 344 -25.09 -26.79 -18.52
N PRO A 345 -25.74 -26.78 -17.33
CA PRO A 345 -26.60 -27.92 -16.99
C PRO A 345 -27.95 -28.01 -17.74
N HIS A 346 -28.21 -27.09 -18.67
CA HIS A 346 -29.44 -27.10 -19.46
C HIS A 346 -29.22 -27.24 -20.97
N VAL A 347 -27.97 -27.28 -21.41
CA VAL A 347 -27.67 -27.40 -22.84
C VAL A 347 -27.75 -28.87 -23.26
N ASP A 348 -28.53 -29.11 -24.30
CA ASP A 348 -28.73 -30.45 -24.85
C ASP A 348 -28.00 -30.56 -26.19
N LYS A 349 -26.75 -31.00 -26.15
CA LYS A 349 -26.01 -31.33 -27.37
C LYS A 349 -26.58 -32.64 -27.94
N ASP A 350 -26.44 -32.83 -29.26
CA ASP A 350 -27.08 -33.90 -30.05
C ASP A 350 -28.41 -33.41 -30.63
N THR A 351 -29.14 -32.60 -29.87
CA THR A 351 -30.20 -31.76 -30.40
C THR A 351 -29.82 -30.33 -30.01
N LYS A 352 -28.63 -29.92 -30.48
CA LYS A 352 -27.94 -28.71 -29.99
C LYS A 352 -28.88 -27.51 -29.79
N THR A 353 -29.48 -27.48 -28.60
CA THR A 353 -30.43 -26.44 -28.23
C THR A 353 -30.33 -26.20 -26.73
N LEU A 354 -30.90 -25.08 -26.30
CA LEU A 354 -30.96 -24.71 -24.89
C LEU A 354 -32.32 -25.13 -24.31
N VAL A 355 -32.30 -26.16 -23.47
CA VAL A 355 -33.50 -26.73 -22.85
C VAL A 355 -33.50 -26.36 -21.37
N MET A 356 -33.97 -25.16 -21.06
CA MET A 356 -34.01 -24.67 -19.68
C MET A 356 -35.07 -25.43 -18.89
N LYS A 357 -34.63 -26.26 -17.95
CA LYS A 357 -35.55 -27.02 -17.11
C LYS A 357 -36.41 -26.08 -16.28
N LEU A 358 -37.69 -26.41 -16.18
CA LEU A 358 -38.72 -25.53 -15.59
C LEU A 358 -38.98 -25.88 -14.12
N GLU A 359 -38.01 -26.53 -13.49
CA GLU A 359 -38.18 -27.22 -12.21
C GLU A 359 -36.94 -27.05 -11.31
N ASP A 360 -35.77 -27.11 -11.95
CA ASP A 360 -34.48 -26.77 -11.34
C ASP A 360 -34.57 -25.43 -10.61
N GLU A 361 -34.37 -25.47 -9.30
CA GLU A 361 -34.53 -24.30 -8.42
C GLU A 361 -33.71 -23.08 -8.86
N THR A 362 -32.57 -23.36 -9.50
CA THR A 362 -31.79 -22.35 -10.19
C THR A 362 -32.68 -21.55 -11.17
N VAL A 363 -33.40 -22.27 -12.02
CA VAL A 363 -34.21 -21.65 -13.09
C VAL A 363 -35.51 -21.02 -12.54
N SER A 364 -36.07 -21.59 -11.48
CA SER A 364 -37.31 -21.07 -10.86
C SER A 364 -37.16 -19.66 -10.29
N GLY A 365 -36.13 -19.48 -9.47
CA GLY A 365 -35.81 -18.18 -8.88
C GLY A 365 -35.22 -17.17 -9.86
N THR A 366 -34.67 -17.67 -10.97
CA THR A 366 -34.06 -16.82 -12.00
C THR A 366 -35.08 -16.27 -13.00
N CYS A 367 -35.95 -17.14 -13.49
CA CYS A 367 -36.86 -16.81 -14.58
C CYS A 367 -38.01 -15.89 -14.18
N VAL A 368 -38.38 -15.00 -15.10
CA VAL A 368 -39.45 -14.03 -14.89
C VAL A 368 -40.44 -14.04 -16.06
N THR A 369 -39.92 -13.77 -17.25
CA THR A 369 -40.73 -13.67 -18.47
C THR A 369 -40.38 -14.78 -19.44
N ARG A 370 -41.39 -15.28 -20.16
CA ARG A 370 -41.19 -16.23 -21.27
C ARG A 370 -42.46 -16.39 -22.12
N MET B 1 14.55 31.28 23.30
CA MET B 1 14.97 30.95 21.90
C MET B 1 13.79 30.43 21.10
N LYS B 2 13.51 31.05 19.97
CA LYS B 2 12.32 30.76 19.19
C LYS B 2 12.64 29.93 17.96
N ILE B 3 11.79 28.93 17.68
CA ILE B 3 11.84 28.16 16.44
C ILE B 3 10.48 28.21 15.74
N ALA B 4 10.43 28.78 14.54
CA ALA B 4 9.16 28.92 13.81
C ALA B 4 9.05 27.90 12.68
N ILE B 5 7.81 27.60 12.31
CA ILE B 5 7.51 26.57 11.32
C ILE B 5 6.26 26.96 10.53
N PRO B 6 6.44 27.46 9.29
CA PRO B 6 5.29 27.98 8.56
C PRO B 6 4.51 26.88 7.86
N LYS B 7 3.46 27.31 7.15
CA LYS B 7 2.69 26.45 6.27
C LYS B 7 3.42 26.39 4.92
N GLU B 8 3.35 25.26 4.23
CA GLU B 8 4.06 25.09 2.96
C GLU B 8 3.23 25.72 1.86
N ARG B 9 3.62 26.93 1.46
CA ARG B 9 2.82 27.72 0.52
C ARG B 9 2.93 27.24 -0.93
N ARG B 10 3.88 26.35 -1.22
CA ARG B 10 4.07 25.83 -2.59
C ARG B 10 2.93 24.92 -3.05
N PRO B 11 2.59 24.93 -4.35
CA PRO B 11 1.43 24.18 -4.80
C PRO B 11 1.62 22.66 -4.76
N GLY B 12 0.57 21.96 -4.35
CA GLY B 12 0.61 20.50 -4.24
C GLY B 12 1.59 20.04 -3.18
N GLU B 13 1.41 20.55 -1.96
CA GLU B 13 2.33 20.29 -0.86
C GLU B 13 1.60 20.30 0.48
N ASP B 14 1.19 19.11 0.92
CA ASP B 14 0.42 18.96 2.16
C ASP B 14 1.29 18.67 3.40
N ARG B 15 2.61 18.60 3.24
CA ARG B 15 3.51 18.29 4.35
C ARG B 15 3.83 19.49 5.23
N VAL B 16 4.32 19.21 6.43
CA VAL B 16 4.73 20.21 7.40
C VAL B 16 5.98 19.71 8.13
N ALA B 17 6.83 20.64 8.56
CA ALA B 17 8.09 20.30 9.22
C ALA B 17 7.94 20.24 10.74
N ILE B 18 6.93 19.53 11.24
CA ILE B 18 6.69 19.43 12.67
C ILE B 18 5.73 18.30 13.04
N SER B 19 5.88 17.80 14.26
CA SER B 19 4.89 16.94 14.89
C SER B 19 4.79 17.28 16.37
N PRO B 20 3.63 17.00 17.02
CA PRO B 20 3.49 17.13 18.46
C PRO B 20 4.63 16.52 19.27
N GLU B 21 5.07 15.33 18.88
CA GLU B 21 6.17 14.66 19.59
C GLU B 21 7.47 15.48 19.51
N VAL B 22 7.75 16.00 18.33
CA VAL B 22 8.94 16.82 18.10
C VAL B 22 8.82 18.20 18.78
N VAL B 23 7.60 18.73 18.85
CA VAL B 23 7.32 19.96 19.62
C VAL B 23 7.75 19.78 21.07
N LYS B 24 7.35 18.66 21.68
CA LYS B 24 7.68 18.38 23.07
C LYS B 24 9.19 18.24 23.30
N LYS B 25 9.90 17.68 22.33
CA LYS B 25 11.36 17.56 22.40
C LYS B 25 12.06 18.91 22.26
N LEU B 26 11.53 19.77 21.39
CA LEU B 26 12.03 21.14 21.20
C LEU B 26 11.78 22.03 22.43
N VAL B 27 10.58 21.94 22.98
CA VAL B 27 10.25 22.62 24.24
C VAL B 27 11.22 22.19 25.33
N GLY B 28 11.38 20.87 25.47
CA GLY B 28 12.38 20.29 26.38
C GLY B 28 13.79 20.76 26.13
N LEU B 29 14.15 20.94 24.85
CA LEU B 29 15.47 21.47 24.48
C LEU B 29 15.67 22.95 24.83
N GLY B 30 14.56 23.66 25.07
CA GLY B 30 14.59 25.04 25.53
C GLY B 30 14.10 26.06 24.53
N PHE B 31 13.48 25.60 23.45
CA PHE B 31 12.85 26.50 22.49
C PHE B 31 11.39 26.74 22.89
N GLU B 32 10.80 27.76 22.28
CA GLU B 32 9.35 27.86 22.17
C GLU B 32 9.01 27.76 20.69
N VAL B 33 7.96 27.00 20.38
CA VAL B 33 7.68 26.56 19.03
C VAL B 33 6.48 27.30 18.46
N ILE B 34 6.75 28.33 17.65
CA ILE B 34 5.67 29.03 16.94
C ILE B 34 5.37 28.27 15.64
N VAL B 35 4.09 28.26 15.26
CA VAL B 35 3.63 27.59 14.03
C VAL B 35 2.53 28.41 13.38
N GLU B 36 2.56 28.53 12.05
CA GLU B 36 1.53 29.24 11.29
C GLU B 36 0.21 28.47 11.37
N GLN B 37 -0.89 29.17 11.66
CA GLN B 37 -2.20 28.52 11.82
C GLN B 37 -2.57 27.66 10.61
N GLY B 38 -3.06 26.46 10.89
CA GLY B 38 -3.45 25.50 9.85
C GLY B 38 -2.32 25.02 8.96
N ALA B 39 -1.10 24.95 9.51
CA ALA B 39 0.06 24.50 8.75
C ALA B 39 0.19 22.98 8.68
N GLY B 40 -0.57 22.26 9.50
CA GLY B 40 -0.58 20.79 9.48
C GLY B 40 -1.91 20.19 9.08
N VAL B 41 -2.83 21.00 8.56
CA VAL B 41 -4.14 20.52 8.11
C VAL B 41 -3.99 19.41 7.07
N GLY B 42 -3.11 19.65 6.10
CA GLY B 42 -2.82 18.69 5.04
C GLY B 42 -2.22 17.38 5.53
N ALA B 43 -1.44 17.46 6.61
CA ALA B 43 -0.83 16.28 7.22
C ALA B 43 -1.68 15.70 8.36
N SER B 44 -2.96 16.10 8.43
CA SER B 44 -3.89 15.64 9.47
C SER B 44 -3.45 16.02 10.90
N ILE B 45 -2.68 17.11 11.01
CA ILE B 45 -2.10 17.56 12.28
C ILE B 45 -2.73 18.90 12.63
N THR B 46 -3.70 18.90 13.53
CA THR B 46 -4.40 20.14 13.91
C THR B 46 -3.50 21.04 14.76
N ASP B 47 -3.75 22.34 14.68
CA ASP B 47 -3.06 23.32 15.52
C ASP B 47 -3.50 23.22 16.99
N ASP B 48 -4.71 22.72 17.23
CA ASP B 48 -5.18 22.36 18.57
C ASP B 48 -4.19 21.38 19.21
N ALA B 49 -3.87 20.32 18.48
CA ALA B 49 -2.92 19.29 18.92
C ALA B 49 -1.49 19.80 19.11
N LEU B 50 -1.11 20.81 18.33
CA LEU B 50 0.22 21.44 18.45
C LEU B 50 0.32 22.31 19.71
N THR B 51 -0.71 23.11 19.95
CA THR B 51 -0.78 23.93 21.17
C THR B 51 -0.86 23.04 22.42
N ALA B 52 -1.48 21.87 22.28
CA ALA B 52 -1.49 20.85 23.33
C ALA B 52 -0.07 20.38 23.71
N ALA B 53 0.81 20.29 22.73
CA ALA B 53 2.22 19.91 22.95
C ALA B 53 3.10 21.04 23.49
N GLY B 54 2.57 22.26 23.56
CA GLY B 54 3.30 23.41 24.09
C GLY B 54 3.87 24.27 22.97
N ALA B 55 2.99 24.72 22.09
CA ALA B 55 3.38 25.49 20.90
C ALA B 55 2.48 26.71 20.72
N THR B 56 3.10 27.88 20.57
CA THR B 56 2.40 29.09 20.18
C THR B 56 1.86 28.93 18.76
N ILE B 57 0.79 29.65 18.45
CA ILE B 57 0.24 29.70 17.08
C ILE B 57 0.33 31.13 16.56
N ALA B 58 0.71 31.27 15.29
CA ALA B 58 0.75 32.56 14.61
C ALA B 58 -0.40 32.66 13.62
N SER B 59 -0.70 33.89 13.20
CA SER B 59 -1.80 34.17 12.27
C SER B 59 -1.36 34.05 10.81
N THR B 60 -0.25 34.72 10.49
CA THR B 60 0.35 34.65 9.16
C THR B 60 1.77 34.11 9.27
N ALA B 61 2.39 33.85 8.12
CA ALA B 61 3.79 33.44 8.04
C ALA B 61 4.73 34.52 8.58
N ALA B 62 4.35 35.78 8.38
CA ALA B 62 5.10 36.92 8.91
C ALA B 62 5.15 36.86 10.44
N GLN B 63 3.98 36.81 11.06
CA GLN B 63 3.87 36.71 12.53
C GLN B 63 4.66 35.52 13.11
N ALA B 64 4.71 34.42 12.36
CA ALA B 64 5.45 33.23 12.78
C ALA B 64 6.97 33.45 12.72
N LEU B 65 7.45 33.88 11.56
CA LEU B 65 8.88 33.95 11.28
C LEU B 65 9.62 35.19 11.83
N SER B 66 8.87 36.29 12.03
CA SER B 66 9.46 37.61 12.32
C SER B 66 10.57 37.62 13.37
N GLN B 67 10.37 36.87 14.45
CA GLN B 67 11.33 36.83 15.57
C GLN B 67 12.07 35.50 15.73
N ALA B 68 11.83 34.55 14.82
CA ALA B 68 12.39 33.20 14.93
C ALA B 68 13.89 33.12 14.64
N ASP B 69 14.63 32.51 15.57
CA ASP B 69 16.09 32.36 15.46
C ASP B 69 16.43 31.14 14.62
N VAL B 70 15.64 30.10 14.79
CA VAL B 70 15.70 28.90 13.96
C VAL B 70 14.39 28.80 13.21
N VAL B 71 14.45 28.33 11.97
CA VAL B 71 13.26 28.15 11.15
C VAL B 71 13.33 26.81 10.44
N TRP B 72 12.31 25.98 10.65
CA TRP B 72 12.17 24.70 9.96
C TRP B 72 11.12 24.85 8.86
N LYS B 73 11.37 24.19 7.74
CA LYS B 73 10.48 24.22 6.57
C LYS B 73 10.67 22.90 5.83
N VAL B 74 9.67 22.47 5.08
CA VAL B 74 9.79 21.23 4.30
C VAL B 74 10.55 21.52 3.00
N GLN B 75 9.87 22.17 2.06
CA GLN B 75 10.44 22.52 0.78
C GLN B 75 10.99 23.94 0.85
N ARG B 76 11.95 24.23 -0.04
CA ARG B 76 12.68 25.49 -0.05
C ARG B 76 11.81 26.75 -0.01
N PRO B 77 12.33 27.85 0.56
CA PRO B 77 11.58 29.09 0.55
C PRO B 77 11.53 29.74 -0.83
N MET B 78 10.48 30.51 -1.08
CA MET B 78 10.28 31.20 -2.34
C MET B 78 10.94 32.56 -2.33
N THR B 79 11.34 33.00 -3.51
CA THR B 79 11.96 34.30 -3.70
C THR B 79 10.91 35.24 -4.27
N ALA B 80 11.22 36.53 -4.31
CA ALA B 80 10.36 37.51 -4.98
C ALA B 80 10.18 37.14 -6.45
N GLU B 81 11.26 36.67 -7.07
CA GLU B 81 11.25 36.27 -8.49
C GLU B 81 10.22 35.20 -8.81
N GLU B 82 9.92 34.35 -7.83
CA GLU B 82 8.92 33.31 -8.00
C GLU B 82 7.48 33.82 -7.79
N GLY B 83 7.31 34.83 -6.97
CA GLY B 83 5.99 35.40 -6.71
C GLY B 83 5.87 35.97 -5.31
N THR B 84 6.08 35.11 -4.32
CA THR B 84 5.94 35.47 -2.92
C THR B 84 7.29 35.37 -2.21
N ASP B 85 7.74 36.47 -1.64
CA ASP B 85 9.03 36.50 -0.96
C ASP B 85 8.90 35.96 0.48
N GLU B 86 8.98 34.64 0.61
CA GLU B 86 9.06 33.97 1.91
C GLU B 86 10.40 34.21 2.61
N VAL B 87 11.47 34.32 1.82
CA VAL B 87 12.80 34.61 2.36
C VAL B 87 12.80 35.93 3.11
N ALA B 88 12.04 36.91 2.61
CA ALA B 88 11.90 38.21 3.28
C ALA B 88 11.35 38.11 4.71
N LEU B 89 10.43 37.17 4.96
CA LEU B 89 9.82 36.99 6.29
C LEU B 89 10.80 36.46 7.33
N ILE B 90 11.82 35.72 6.88
CA ILE B 90 12.83 35.17 7.79
C ILE B 90 13.65 36.30 8.41
N LYS B 91 13.86 36.19 9.72
CA LYS B 91 14.64 37.16 10.50
C LYS B 91 16.09 37.15 10.05
N GLU B 92 16.68 38.34 9.95
CA GLU B 92 18.09 38.45 9.60
C GLU B 92 18.94 37.77 10.67
N GLY B 93 20.00 37.08 10.26
CA GLY B 93 20.87 36.36 11.18
C GLY B 93 20.36 35.01 11.68
N ALA B 94 19.17 34.60 11.23
CA ALA B 94 18.51 33.38 11.74
C ALA B 94 19.06 32.13 11.09
N VAL B 95 18.61 30.97 11.58
CA VAL B 95 18.97 29.66 11.04
C VAL B 95 17.78 29.06 10.28
N LEU B 96 18.02 28.63 9.04
CA LEU B 96 17.01 27.94 8.23
C LEU B 96 17.42 26.49 8.02
N MET B 97 16.44 25.59 8.05
CA MET B 97 16.67 24.17 7.80
C MET B 97 15.52 23.58 7.00
N CYS B 98 15.81 23.12 5.78
CA CYS B 98 14.78 22.61 4.89
C CYS B 98 15.38 21.78 3.74
N HIS B 99 14.52 21.33 2.84
CA HIS B 99 14.96 20.76 1.58
C HIS B 99 15.15 21.88 0.56
N LEU B 100 16.30 22.55 0.64
CA LEU B 100 16.63 23.66 -0.26
C LEU B 100 16.74 23.27 -1.74
N GLY B 101 17.22 22.06 -2.01
CA GLY B 101 17.66 21.71 -3.36
C GLY B 101 18.74 22.70 -3.79
N ALA B 102 19.68 22.92 -2.88
CA ALA B 102 20.60 24.06 -2.94
C ALA B 102 21.48 24.11 -4.20
N LEU B 103 21.92 22.95 -4.67
CA LEU B 103 22.88 22.88 -5.79
C LEU B 103 22.25 23.22 -7.13
N THR B 104 21.03 22.75 -7.35
CA THR B 104 20.23 23.17 -8.50
C THR B 104 19.85 24.66 -8.43
N ASN B 105 19.43 25.12 -7.25
CA ASN B 105 18.83 26.45 -7.10
C ASN B 105 19.74 27.49 -6.43
N ARG B 106 20.60 28.13 -7.23
CA ARG B 106 21.53 29.13 -6.71
CA ARG B 106 21.56 29.15 -6.69
C ARG B 106 20.88 30.42 -6.20
N PRO B 107 19.85 30.95 -6.91
CA PRO B 107 19.21 32.19 -6.44
C PRO B 107 18.56 32.16 -5.04
N VAL B 108 18.03 31.01 -4.62
CA VAL B 108 17.51 30.87 -3.26
C VAL B 108 18.65 30.93 -2.24
N VAL B 109 19.82 30.42 -2.62
CA VAL B 109 21.01 30.47 -1.75
C VAL B 109 21.52 31.92 -1.59
N GLU B 110 21.62 32.63 -2.71
CA GLU B 110 22.05 34.03 -2.71
C GLU B 110 21.05 34.94 -2.00
N ALA B 111 19.76 34.63 -2.13
CA ALA B 111 18.69 35.37 -1.45
C ALA B 111 18.85 35.31 0.06
N LEU B 112 19.02 34.10 0.58
CA LEU B 112 19.27 33.88 2.01
C LEU B 112 20.59 34.49 2.46
N THR B 113 21.58 34.50 1.57
CA THR B 113 22.88 35.10 1.83
C THR B 113 22.78 36.61 1.98
N LYS B 114 22.06 37.26 1.07
CA LYS B 114 21.81 38.70 1.14
C LYS B 114 21.24 39.11 2.50
N ARG B 115 20.40 38.25 3.06
CA ARG B 115 19.73 38.51 4.35
C ARG B 115 20.45 37.93 5.58
N LYS B 116 21.74 37.56 5.44
CA LYS B 116 22.56 37.03 6.56
C LYS B 116 21.99 35.77 7.25
N ILE B 117 21.15 35.01 6.55
CA ILE B 117 20.51 33.82 7.11
C ILE B 117 21.42 32.61 6.93
N THR B 118 21.63 31.86 8.00
CA THR B 118 22.44 30.64 7.95
C THR B 118 21.55 29.44 7.61
N ALA B 119 21.70 28.93 6.39
CA ALA B 119 20.84 27.88 5.85
C ALA B 119 21.53 26.52 5.87
N TYR B 120 20.75 25.46 6.05
CA TYR B 120 21.24 24.08 6.01
C TYR B 120 20.43 23.26 5.00
N ALA B 121 21.11 22.81 3.94
CA ALA B 121 20.49 21.97 2.92
C ALA B 121 20.44 20.54 3.41
N MET B 122 19.25 20.13 3.89
CA MET B 122 19.08 18.81 4.50
C MET B 122 19.28 17.64 3.55
N GLU B 123 19.11 17.89 2.25
CA GLU B 123 19.39 16.88 1.22
C GLU B 123 20.88 16.59 1.02
N LEU B 124 21.75 17.49 1.50
CA LEU B 124 23.20 17.27 1.48
C LEU B 124 23.73 16.60 2.75
N MET B 125 22.90 15.81 3.41
CA MET B 125 23.30 15.10 4.63
C MET B 125 24.26 14.00 4.22
N PRO B 126 25.45 13.93 4.85
CA PRO B 126 26.42 12.94 4.40
C PRO B 126 25.93 11.51 4.62
N ARG B 127 26.40 10.59 3.78
CA ARG B 127 25.90 9.21 3.76
C ARG B 127 26.43 8.33 4.89
N ILE B 128 27.04 8.95 5.91
CA ILE B 128 27.50 8.23 7.10
C ILE B 128 26.35 7.57 7.88
N SER B 129 26.73 6.63 8.74
CA SER B 129 25.79 5.73 9.40
C SER B 129 25.03 6.42 10.53
N ARG B 130 25.72 7.31 11.25
CA ARG B 130 25.12 8.13 12.31
C ARG B 130 24.00 9.06 11.78
N ALA B 131 24.15 9.53 10.54
CA ALA B 131 23.24 10.51 9.95
C ALA B 131 21.99 9.89 9.30
N GLN B 132 21.86 8.57 9.34
CA GLN B 132 20.65 7.89 8.80
C GLN B 132 19.36 8.30 9.50
N SER B 133 19.46 8.76 10.75
CA SER B 133 18.31 9.31 11.46
C SER B 133 17.98 10.74 11.01
N MET B 134 18.90 11.37 10.30
CA MET B 134 18.74 12.75 9.79
C MET B 134 18.55 12.83 8.27
N ASP B 135 18.63 11.70 7.57
CA ASP B 135 18.60 11.69 6.11
C ASP B 135 17.16 11.79 5.59
N ILE B 136 16.74 13.00 5.23
CA ILE B 136 15.38 13.25 4.70
C ILE B 136 15.11 12.57 3.36
N LEU B 137 16.15 12.28 2.60
CA LEU B 137 16.03 11.61 1.32
C LEU B 137 15.50 10.19 1.50
N ALA B 138 16.00 9.50 2.53
CA ALA B 138 15.61 8.12 2.76
C ALA B 138 14.19 7.98 3.30
N SER B 139 13.84 8.85 4.25
CA SER B 139 12.58 8.74 4.97
C SER B 139 11.39 9.03 4.07
N GLN B 140 11.53 10.09 3.27
CA GLN B 140 10.46 10.50 2.35
C GLN B 140 10.33 9.55 1.16
N SER B 141 11.46 9.15 0.58
CA SER B 141 11.47 8.29 -0.59
C SER B 141 10.96 6.88 -0.31
N ASN B 142 11.22 6.39 0.90
CA ASN B 142 10.63 5.13 1.37
C ASN B 142 9.12 5.12 1.28
N LEU B 143 8.49 6.19 1.76
CA LEU B 143 7.04 6.38 1.65
C LEU B 143 6.59 6.55 0.19
N ALA B 144 7.38 7.27 -0.59
CA ALA B 144 7.09 7.46 -2.00
C ALA B 144 7.11 6.12 -2.74
N GLY B 145 8.00 5.23 -2.33
CA GLY B 145 8.02 3.87 -2.86
C GLY B 145 6.78 3.07 -2.53
N TYR B 146 6.35 3.13 -1.27
CA TYR B 146 5.11 2.51 -0.84
C TYR B 146 3.93 3.03 -1.67
N ARG B 147 3.88 4.35 -1.84
CA ARG B 147 2.79 5.00 -2.61
C ARG B 147 2.61 4.45 -4.01
N ALA B 148 3.72 4.35 -4.74
CA ALA B 148 3.74 3.83 -6.11
C ALA B 148 2.80 2.64 -6.26
N VAL B 149 2.99 1.65 -5.40
CA VAL B 149 2.16 0.45 -5.36
C VAL B 149 0.68 0.78 -5.15
N ILE B 150 0.37 1.67 -4.20
CA ILE B 150 -1.04 2.07 -3.97
C ILE B 150 -1.60 2.80 -5.19
N ASP B 151 -0.80 3.65 -5.81
CA ASP B 151 -1.20 4.35 -7.03
C ASP B 151 -1.30 3.39 -8.21
N GLY B 152 -0.35 2.47 -8.31
CA GLY B 152 -0.42 1.40 -9.29
C GLY B 152 -1.66 0.53 -9.09
N ALA B 153 -1.93 0.18 -7.84
CA ALA B 153 -3.09 -0.65 -7.51
C ALA B 153 -4.40 0.05 -7.80
N TYR B 154 -4.42 1.37 -7.69
CA TYR B 154 -5.61 2.17 -7.99
C TYR B 154 -5.93 2.15 -9.49
N GLU B 155 -4.95 2.52 -10.30
CA GLU B 155 -5.14 2.63 -11.74
C GLU B 155 -5.30 1.28 -12.43
N PHE B 156 -4.94 0.19 -11.75
CA PHE B 156 -4.97 -1.16 -12.35
C PHE B 156 -6.34 -1.82 -12.27
N ALA B 157 -6.67 -2.57 -13.31
CA ALA B 157 -8.01 -3.13 -13.52
C ALA B 157 -8.25 -4.50 -12.87
N ARG B 158 -7.18 -5.20 -12.49
CA ARG B 158 -7.30 -6.45 -11.75
C ARG B 158 -6.77 -6.27 -10.34
N ALA B 159 -7.01 -7.27 -9.49
CA ALA B 159 -6.47 -7.27 -8.14
C ALA B 159 -5.04 -7.83 -8.13
N PHE B 160 -4.29 -7.47 -7.10
CA PHE B 160 -2.90 -7.93 -6.93
C PHE B 160 -2.77 -9.42 -6.58
N PRO B 161 -3.48 -9.88 -5.54
CA PRO B 161 -3.34 -11.28 -5.14
C PRO B 161 -4.11 -12.24 -6.03
N MET B 162 -3.65 -13.49 -6.08
CA MET B 162 -4.42 -14.55 -6.71
C MET B 162 -5.63 -14.83 -5.84
N MET B 163 -6.77 -15.07 -6.48
CA MET B 163 -8.02 -15.31 -5.77
C MET B 163 -8.74 -16.51 -6.37
N MET B 164 -8.90 -17.56 -5.57
CA MET B 164 -9.59 -18.78 -5.99
C MET B 164 -11.03 -18.74 -5.50
N THR B 165 -11.91 -18.24 -6.37
CA THR B 165 -13.34 -18.19 -6.05
C THR B 165 -13.99 -19.53 -6.39
N ALA B 166 -15.21 -19.69 -5.87
CA ALA B 166 -16.15 -20.71 -6.33
C ALA B 166 -16.39 -20.58 -7.84
N ALA B 167 -16.49 -19.33 -8.31
CA ALA B 167 -16.75 -19.02 -9.72
C ALA B 167 -15.50 -18.98 -10.62
N GLY B 168 -14.42 -19.65 -10.20
CA GLY B 168 -13.18 -19.66 -10.98
C GLY B 168 -12.10 -18.81 -10.34
N THR B 169 -10.88 -18.95 -10.87
CA THR B 169 -9.69 -18.33 -10.30
C THR B 169 -9.13 -17.23 -11.19
N VAL B 170 -8.72 -16.13 -10.57
CA VAL B 170 -8.05 -15.02 -11.25
C VAL B 170 -6.57 -14.98 -10.84
N PRO B 171 -5.65 -14.78 -11.81
CA PRO B 171 -4.22 -14.86 -11.48
C PRO B 171 -3.75 -13.59 -10.80
N PRO B 172 -2.59 -13.64 -10.12
CA PRO B 172 -2.12 -12.44 -9.44
C PRO B 172 -1.53 -11.45 -10.44
N ALA B 173 -1.51 -10.18 -10.04
CA ALA B 173 -0.86 -9.16 -10.84
C ALA B 173 0.65 -9.41 -10.83
N ARG B 174 1.30 -9.10 -11.93
CA ARG B 174 2.75 -9.17 -12.03
C ARG B 174 3.30 -7.76 -12.01
N VAL B 175 4.33 -7.53 -11.20
CA VAL B 175 4.91 -6.20 -11.01
C VAL B 175 6.38 -6.20 -11.40
N LEU B 176 6.83 -5.10 -12.02
CA LEU B 176 8.26 -4.91 -12.35
C LEU B 176 8.75 -3.57 -11.81
N VAL B 177 9.83 -3.61 -11.04
CA VAL B 177 10.38 -2.41 -10.42
C VAL B 177 11.72 -2.05 -11.05
N PHE B 178 11.79 -0.89 -11.68
CA PHE B 178 13.05 -0.38 -12.24
C PHE B 178 13.70 0.59 -11.26
N GLY B 179 14.79 0.16 -10.65
CA GLY B 179 15.51 0.97 -9.68
C GLY B 179 15.24 0.44 -8.29
N VAL B 180 16.26 -0.18 -7.68
CA VAL B 180 16.12 -0.74 -6.35
C VAL B 180 16.95 0.06 -5.34
N GLY B 181 16.56 1.31 -5.16
CA GLY B 181 17.02 2.13 -4.06
C GLY B 181 15.97 2.04 -2.98
N VAL B 182 15.96 3.03 -2.09
CA VAL B 182 15.03 3.00 -0.95
C VAL B 182 13.61 2.83 -1.45
N ALA B 183 13.21 3.68 -2.40
CA ALA B 183 11.83 3.73 -2.90
C ALA B 183 11.34 2.41 -3.50
N GLY B 184 12.00 1.97 -4.56
CA GLY B 184 11.63 0.74 -5.23
C GLY B 184 11.67 -0.46 -4.30
N LEU B 185 12.64 -0.47 -3.40
CA LEU B 185 12.81 -1.60 -2.50
C LEU B 185 11.62 -1.73 -1.53
N GLN B 186 11.07 -0.62 -1.07
CA GLN B 186 9.82 -0.66 -0.30
C GLN B 186 8.62 -1.01 -1.20
N ALA B 187 8.64 -0.55 -2.46
CA ALA B 187 7.61 -0.91 -3.44
C ALA B 187 7.56 -2.41 -3.70
N ILE B 188 8.73 -3.05 -3.74
CA ILE B 188 8.79 -4.51 -3.87
C ILE B 188 8.08 -5.16 -2.68
N ALA B 189 8.39 -4.70 -1.48
CA ALA B 189 7.74 -5.22 -0.29
C ALA B 189 6.23 -4.98 -0.29
N THR B 190 5.82 -3.76 -0.62
CA THR B 190 4.40 -3.41 -0.67
C THR B 190 3.64 -4.15 -1.78
N ALA B 191 4.35 -4.50 -2.84
CA ALA B 191 3.78 -5.27 -3.94
C ALA B 191 3.63 -6.73 -3.52
N LYS B 192 4.75 -7.35 -3.13
CA LYS B 192 4.77 -8.76 -2.70
C LYS B 192 3.73 -9.08 -1.64
N ARG B 193 3.62 -8.21 -0.63
CA ARG B 193 2.67 -8.43 0.46
C ARG B 193 1.22 -8.37 -0.01
N LEU B 194 0.94 -7.55 -1.03
CA LEU B 194 -0.41 -7.50 -1.63
C LEU B 194 -0.74 -8.74 -2.46
N GLY B 195 0.26 -9.58 -2.70
CA GLY B 195 0.06 -10.89 -3.33
C GLY B 195 0.56 -10.97 -4.76
N ALA B 196 1.11 -9.86 -5.27
CA ALA B 196 1.57 -9.79 -6.63
C ALA B 196 2.84 -10.60 -6.81
N VAL B 197 3.13 -10.97 -8.05
CA VAL B 197 4.40 -11.58 -8.42
C VAL B 197 5.33 -10.45 -8.83
N VAL B 198 6.44 -10.30 -8.11
CA VAL B 198 7.28 -9.09 -8.22
C VAL B 198 8.66 -9.40 -8.80
N MET B 199 9.06 -8.60 -9.79
CA MET B 199 10.44 -8.62 -10.30
C MET B 199 11.06 -7.23 -10.30
N ALA B 200 12.39 -7.21 -10.44
CA ALA B 200 13.13 -5.96 -10.42
C ALA B 200 14.46 -6.09 -11.14
N THR B 201 15.02 -4.94 -11.51
CA THR B 201 16.32 -4.87 -12.18
C THR B 201 17.11 -3.64 -11.75
N ASP B 202 18.43 -3.71 -11.88
CA ASP B 202 19.32 -2.66 -11.40
C ASP B 202 20.74 -2.76 -12.00
N VAL B 203 21.37 -1.61 -12.21
CA VAL B 203 22.77 -1.58 -12.68
C VAL B 203 23.75 -2.11 -11.63
N ARG B 204 23.45 -1.90 -10.36
CA ARG B 204 24.33 -2.38 -9.29
C ARG B 204 24.20 -3.88 -9.12
N ALA B 205 25.35 -4.55 -8.96
CA ALA B 205 25.41 -6.00 -8.86
C ALA B 205 24.99 -6.51 -7.47
N ALA B 206 25.19 -5.69 -6.44
CA ALA B 206 24.79 -6.02 -5.07
C ALA B 206 23.27 -6.00 -4.85
N THR B 207 22.54 -5.42 -5.81
CA THR B 207 21.09 -5.31 -5.74
C THR B 207 20.35 -6.65 -5.72
N LYS B 208 20.81 -7.59 -6.54
CA LYS B 208 20.17 -8.91 -6.67
C LYS B 208 19.85 -9.55 -5.32
N GLU B 209 20.78 -9.44 -4.37
CA GLU B 209 20.59 -9.99 -3.03
C GLU B 209 19.51 -9.23 -2.25
N GLN B 210 19.46 -7.91 -2.41
CA GLN B 210 18.46 -7.08 -1.74
C GLN B 210 17.06 -7.41 -2.25
N VAL B 211 16.91 -7.40 -3.56
CA VAL B 211 15.65 -7.79 -4.19
C VAL B 211 15.22 -9.19 -3.73
N GLU B 212 16.15 -10.13 -3.71
CA GLU B 212 15.87 -11.50 -3.31
C GLU B 212 15.51 -11.66 -1.82
N SER B 213 15.97 -10.72 -1.00
CA SER B 213 15.71 -10.78 0.44
C SER B 213 14.23 -10.51 0.82
N LEU B 214 13.49 -9.87 -0.09
CA LEU B 214 12.05 -9.60 0.11
C LEU B 214 11.13 -10.59 -0.62
N GLY B 215 11.73 -11.53 -1.34
CA GLY B 215 10.99 -12.50 -2.16
C GLY B 215 10.82 -12.05 -3.60
N GLY B 216 11.55 -11.03 -4.00
CA GLY B 216 11.55 -10.55 -5.38
C GLY B 216 12.50 -11.39 -6.23
N LYS B 217 12.36 -11.28 -7.54
CA LYS B 217 13.24 -11.99 -8.48
C LYS B 217 14.01 -11.00 -9.35
N PHE B 218 15.34 -11.12 -9.35
CA PHE B 218 16.19 -10.19 -10.08
C PHE B 218 16.33 -10.64 -11.53
N ILE B 219 15.99 -9.76 -12.47
CA ILE B 219 16.13 -10.06 -13.89
C ILE B 219 17.61 -10.16 -14.23
N THR B 220 18.06 -11.39 -14.53
CA THR B 220 19.44 -11.63 -14.96
C THR B 220 19.52 -12.88 -15.82
N VAL B 221 20.49 -12.89 -16.73
CA VAL B 221 20.57 -13.90 -17.79
C VAL B 221 21.27 -15.21 -17.35
N ASP B 222 21.07 -16.26 -18.14
CA ASP B 222 21.58 -17.60 -17.85
C ASP B 222 23.01 -17.82 -18.33
N ASP B 223 23.25 -17.54 -19.61
CA ASP B 223 24.54 -17.80 -20.30
C ASP B 223 24.79 -19.30 -20.41
N GLU B 242 31.61 -10.21 -24.73
CA GLU B 242 30.26 -9.86 -24.33
C GLU B 242 29.80 -8.53 -24.92
N PHE B 243 28.49 -8.42 -25.14
CA PHE B 243 27.80 -7.15 -24.98
C PHE B 243 26.66 -7.41 -24.00
N ARG B 244 26.92 -7.11 -22.72
CA ARG B 244 25.96 -7.36 -21.65
C ARG B 244 24.61 -6.69 -21.89
N LYS B 245 24.61 -5.48 -22.44
CA LYS B 245 23.36 -4.71 -22.61
C LYS B 245 22.42 -5.22 -23.73
N LYS B 246 22.67 -6.44 -24.20
CA LYS B 246 21.60 -7.27 -24.77
C LYS B 246 20.77 -7.96 -23.66
N GLN B 247 21.06 -7.65 -22.39
CA GLN B 247 20.19 -8.01 -21.26
C GLN B 247 18.84 -7.29 -21.32
N ALA B 248 18.75 -6.20 -22.09
CA ALA B 248 17.47 -5.54 -22.36
C ALA B 248 16.44 -6.49 -22.99
N GLU B 249 16.91 -7.56 -23.63
CA GLU B 249 16.04 -8.67 -24.07
C GLU B 249 15.38 -9.40 -22.89
N ALA B 250 16.10 -9.54 -21.78
CA ALA B 250 15.53 -10.08 -20.54
C ALA B 250 14.50 -9.12 -19.92
N VAL B 251 14.79 -7.82 -19.99
CA VAL B 251 13.86 -6.79 -19.55
C VAL B 251 12.61 -6.79 -20.44
N LEU B 252 12.83 -6.83 -21.75
CA LEU B 252 11.75 -7.02 -22.73
C LEU B 252 10.91 -8.25 -22.38
N LYS B 253 11.60 -9.38 -22.15
CA LYS B 253 10.95 -10.67 -21.87
C LYS B 253 9.95 -10.62 -20.72
N GLU B 254 10.27 -9.84 -19.68
CA GLU B 254 9.39 -9.69 -18.53
C GLU B 254 8.39 -8.54 -18.67
N LEU B 255 8.87 -7.39 -19.16
CA LEU B 255 8.03 -6.21 -19.33
C LEU B 255 6.83 -6.47 -20.23
N VAL B 256 6.99 -7.40 -21.17
CA VAL B 256 5.89 -7.85 -22.01
C VAL B 256 4.71 -8.33 -21.16
N LYS B 257 4.97 -9.25 -20.24
CA LYS B 257 3.90 -9.80 -19.37
C LYS B 257 3.73 -9.07 -18.03
N THR B 258 4.43 -7.95 -17.85
CA THR B 258 4.28 -7.10 -16.68
C THR B 258 2.97 -6.34 -16.74
N ASP B 259 2.30 -6.23 -15.59
CA ASP B 259 1.05 -5.52 -15.47
C ASP B 259 1.24 -4.10 -14.94
N ILE B 260 1.99 -3.98 -13.85
CA ILE B 260 2.35 -2.68 -13.30
C ILE B 260 3.87 -2.55 -13.28
N ALA B 261 4.38 -1.43 -13.77
CA ALA B 261 5.82 -1.20 -13.85
C ALA B 261 6.17 0.08 -13.10
N ILE B 262 6.82 -0.08 -11.94
CA ILE B 262 7.21 1.07 -11.12
C ILE B 262 8.65 1.43 -11.44
N THR B 263 8.86 2.67 -11.84
CA THR B 263 10.19 3.15 -12.18
C THR B 263 10.67 4.13 -11.09
N THR B 264 11.94 4.01 -10.75
CA THR B 264 12.56 4.64 -9.58
C THR B 264 13.90 5.32 -9.88
N ALA B 265 14.74 4.63 -10.67
CA ALA B 265 16.09 5.12 -11.08
C ALA B 265 16.20 6.62 -11.29
N LEU B 266 17.24 7.19 -10.69
CA LEU B 266 17.32 8.63 -10.49
C LEU B 266 18.78 9.03 -10.27
N ILE B 267 19.54 9.10 -11.35
CA ILE B 267 20.97 9.43 -11.28
C ILE B 267 21.11 10.90 -10.84
N PRO B 268 21.98 11.19 -9.84
CA PRO B 268 21.78 12.44 -9.11
C PRO B 268 22.35 13.68 -9.81
N GLY B 269 21.53 14.75 -9.89
CA GLY B 269 21.90 15.98 -10.59
C GLY B 269 21.56 15.94 -12.06
N LYS B 270 21.97 14.86 -12.73
CA LYS B 270 21.69 14.61 -14.14
C LYS B 270 20.21 14.23 -14.33
N PRO B 271 19.68 14.33 -15.56
CA PRO B 271 18.28 13.95 -15.77
C PRO B 271 18.02 12.44 -15.70
N ALA B 272 16.74 12.07 -15.65
CA ALA B 272 16.34 10.71 -15.30
C ALA B 272 16.60 9.71 -16.42
N PRO B 273 17.45 8.70 -16.17
CA PRO B 273 17.84 7.80 -17.25
C PRO B 273 16.67 6.99 -17.80
N VAL B 274 16.49 7.05 -19.12
CA VAL B 274 15.39 6.40 -19.79
C VAL B 274 15.55 4.87 -19.77
N LEU B 275 14.67 4.19 -19.03
CA LEU B 275 14.68 2.73 -18.90
C LEU B 275 13.49 2.02 -19.59
N ILE B 276 12.42 2.75 -19.86
CA ILE B 276 11.33 2.22 -20.70
C ILE B 276 11.10 3.16 -21.88
N THR B 277 11.61 2.75 -23.04
CA THR B 277 11.41 3.49 -24.28
C THR B 277 9.99 3.24 -24.79
N GLU B 278 9.51 4.11 -25.67
CA GLU B 278 8.17 3.95 -26.29
C GLU B 278 8.07 2.65 -27.10
N GLU B 279 9.19 2.25 -27.71
CA GLU B 279 9.29 0.99 -28.45
C GLU B 279 9.07 -0.22 -27.54
N MET B 280 9.29 -0.03 -26.24
CA MET B 280 8.94 -1.03 -25.21
C MET B 280 7.51 -0.84 -24.67
N VAL B 281 7.08 0.41 -24.50
CA VAL B 281 5.70 0.72 -24.06
C VAL B 281 4.67 0.09 -25.01
N THR B 282 5.00 0.09 -26.31
CA THR B 282 4.10 -0.45 -27.33
C THR B 282 4.01 -1.99 -27.29
N LYS B 283 5.13 -2.65 -26.98
CA LYS B 283 5.17 -4.12 -26.84
C LYS B 283 4.71 -4.56 -25.44
N MET B 284 3.50 -4.13 -25.05
CA MET B 284 3.06 -4.20 -23.65
C MET B 284 1.54 -4.30 -23.56
N LYS B 285 1.05 -5.03 -22.55
CA LYS B 285 -0.37 -5.32 -22.38
C LYS B 285 -1.21 -4.05 -22.21
N PRO B 286 -2.24 -3.85 -23.04
CA PRO B 286 -3.21 -2.81 -22.72
C PRO B 286 -3.95 -3.09 -21.40
N GLY B 287 -4.15 -2.04 -20.61
CA GLY B 287 -4.60 -2.17 -19.23
C GLY B 287 -3.44 -2.11 -18.24
N SER B 288 -2.21 -2.04 -18.75
CA SER B 288 -1.02 -1.92 -17.91
C SER B 288 -0.91 -0.53 -17.31
N VAL B 289 -0.12 -0.45 -16.24
CA VAL B 289 0.19 0.82 -15.58
C VAL B 289 1.71 0.99 -15.51
N ILE B 290 2.16 2.22 -15.71
CA ILE B 290 3.53 2.60 -15.40
C ILE B 290 3.46 3.72 -14.35
N ILE B 291 4.08 3.48 -13.21
CA ILE B 291 4.31 4.52 -12.21
C ILE B 291 5.73 5.06 -12.43
N ASP B 292 5.82 6.35 -12.72
CA ASP B 292 7.11 7.01 -12.90
C ASP B 292 7.36 7.98 -11.75
N LEU B 293 8.10 7.50 -10.75
CA LEU B 293 8.52 8.33 -9.62
C LEU B 293 9.59 9.34 -10.03
N ALA B 294 10.35 9.02 -11.08
CA ALA B 294 11.38 9.91 -11.63
C ALA B 294 10.83 10.97 -12.60
N VAL B 295 9.51 11.14 -12.68
CA VAL B 295 8.87 12.01 -13.67
C VAL B 295 9.42 13.44 -13.69
N GLU B 296 9.76 13.97 -12.52
CA GLU B 296 10.23 15.35 -12.39
C GLU B 296 11.69 15.48 -12.79
N ALA B 297 12.47 14.41 -12.61
CA ALA B 297 13.86 14.39 -13.04
C ALA B 297 14.01 14.10 -14.55
N GLY B 298 12.90 13.80 -15.22
CA GLY B 298 12.90 13.49 -16.65
C GLY B 298 11.98 12.34 -17.01
N GLY B 299 11.81 11.41 -16.07
CA GLY B 299 11.08 10.17 -16.32
C GLY B 299 12.03 9.09 -16.80
N ASN B 300 11.86 7.88 -16.27
CA ASN B 300 12.54 6.70 -16.82
C ASN B 300 11.77 6.21 -18.05
N CYS B 301 10.53 6.67 -18.18
CA CYS B 301 9.79 6.54 -19.42
C CYS B 301 9.48 7.96 -19.89
N PRO B 302 9.99 8.35 -21.08
CA PRO B 302 9.87 9.74 -21.52
C PRO B 302 8.48 10.13 -22.05
N LEU B 303 7.55 9.19 -22.07
CA LEU B 303 6.13 9.50 -22.29
C LEU B 303 5.46 10.08 -21.02
N SER B 304 6.13 9.98 -19.87
CA SER B 304 5.58 10.43 -18.59
C SER B 304 5.55 11.95 -18.49
N GLU B 305 4.38 12.48 -18.12
CA GLU B 305 4.17 13.92 -17.97
C GLU B 305 3.95 14.29 -16.51
N PRO B 306 4.80 15.18 -15.94
CA PRO B 306 4.62 15.65 -14.56
C PRO B 306 3.19 16.07 -14.22
N GLY B 307 2.68 15.53 -13.11
CA GLY B 307 1.38 15.92 -12.59
C GLY B 307 0.16 15.38 -13.33
N LYS B 308 0.32 14.35 -14.16
CA LYS B 308 -0.80 13.80 -14.91
C LYS B 308 -0.60 12.36 -15.43
N ILE B 309 -1.72 11.67 -15.65
CA ILE B 309 -1.73 10.26 -16.09
C ILE B 309 -1.98 10.14 -17.61
N VAL B 310 -0.89 10.13 -18.37
CA VAL B 310 -0.94 9.93 -19.82
C VAL B 310 -1.26 8.47 -20.14
N VAL B 311 -1.88 8.24 -21.30
CA VAL B 311 -2.15 6.90 -21.82
C VAL B 311 -1.74 6.82 -23.30
N LYS B 312 -0.97 5.78 -23.65
CA LYS B 312 -0.59 5.53 -25.05
C LYS B 312 -0.22 4.06 -25.25
N HIS B 313 -0.66 3.50 -26.39
CA HIS B 313 -0.52 2.07 -26.70
C HIS B 313 -1.23 1.18 -25.67
N GLY B 314 -2.34 1.67 -25.12
CA GLY B 314 -3.12 0.96 -24.10
C GLY B 314 -2.66 1.11 -22.65
N VAL B 315 -1.42 1.57 -22.46
CA VAL B 315 -0.76 1.57 -21.17
C VAL B 315 -0.87 2.95 -20.49
N LYS B 316 -1.48 2.98 -19.29
CA LYS B 316 -1.48 4.19 -18.46
C LYS B 316 -0.05 4.52 -18.02
N ILE B 317 0.29 5.81 -18.06
CA ILE B 317 1.61 6.29 -17.63
C ILE B 317 1.41 7.37 -16.57
N VAL B 318 1.49 6.96 -15.30
CA VAL B 318 1.25 7.84 -14.17
C VAL B 318 2.52 8.57 -13.77
N GLY B 319 2.41 9.89 -13.60
CA GLY B 319 3.55 10.75 -13.28
C GLY B 319 3.20 11.84 -12.28
N HIS B 320 2.76 11.43 -11.09
CA HIS B 320 2.41 12.36 -10.03
C HIS B 320 3.63 13.09 -9.51
N THR B 321 3.47 14.38 -9.22
CA THR B 321 4.52 15.18 -8.59
C THR B 321 4.42 15.05 -7.07
N ASN B 322 5.57 15.07 -6.41
CA ASN B 322 5.62 15.20 -4.96
C ASN B 322 4.91 14.05 -4.28
N VAL B 323 5.39 12.85 -4.58
CA VAL B 323 4.74 11.62 -4.12
C VAL B 323 4.71 11.54 -2.58
N PRO B 324 5.82 11.89 -1.89
CA PRO B 324 5.77 11.87 -0.42
C PRO B 324 4.59 12.65 0.18
N SER B 325 4.20 13.73 -0.47
CA SER B 325 3.04 14.51 -0.05
C SER B 325 1.72 13.75 -0.20
N ARG B 326 1.70 12.70 -1.03
CA ARG B 326 0.54 11.80 -1.09
C ARG B 326 0.40 10.97 0.19
N VAL B 327 1.49 10.84 0.93
CA VAL B 327 1.46 10.28 2.30
C VAL B 327 1.91 11.38 3.30
N ALA B 328 1.39 12.59 3.12
CA ALA B 328 1.78 13.76 3.91
C ALA B 328 1.68 13.56 5.42
N ALA B 329 0.72 12.77 5.86
CA ALA B 329 0.44 12.59 7.29
C ALA B 329 1.46 11.70 7.99
N ASP B 330 2.00 10.71 7.28
CA ASP B 330 3.11 9.90 7.79
C ASP B 330 4.46 10.54 7.46
N ALA B 331 4.54 11.17 6.30
CA ALA B 331 5.75 11.85 5.87
C ALA B 331 6.20 12.96 6.84
N SER B 332 5.24 13.79 7.25
CA SER B 332 5.54 15.00 8.04
C SER B 332 6.24 14.73 9.37
N PRO B 333 5.69 13.84 10.23
CA PRO B 333 6.43 13.55 11.47
C PRO B 333 7.82 12.96 11.26
N LEU B 334 8.02 12.18 10.20
CA LEU B 334 9.35 11.64 9.88
C LEU B 334 10.30 12.76 9.44
N PHE B 335 9.80 13.64 8.58
CA PHE B 335 10.57 14.80 8.12
C PHE B 335 10.99 15.65 9.30
N ALA B 336 10.07 15.87 10.24
CA ALA B 336 10.32 16.71 11.41
C ALA B 336 11.34 16.08 12.34
N LYS B 337 11.31 14.75 12.45
CA LYS B 337 12.23 14.03 13.30
C LYS B 337 13.65 14.02 12.70
N ASN B 338 13.76 14.00 11.37
CA ASN B 338 15.06 14.20 10.71
C ASN B 338 15.70 15.52 11.14
N LEU B 339 14.92 16.60 11.11
CA LEU B 339 15.39 17.91 11.55
C LEU B 339 15.77 17.87 13.03
N LEU B 340 14.91 17.31 13.88
CA LEU B 340 15.19 17.23 15.32
C LEU B 340 16.44 16.42 15.64
N ASN B 341 16.68 15.35 14.89
CA ASN B 341 17.88 14.50 15.08
C ASN B 341 19.16 15.21 14.63
N PHE B 342 19.02 16.08 13.63
CA PHE B 342 20.12 16.91 13.18
C PHE B 342 20.38 18.06 14.16
N LEU B 343 19.32 18.55 14.79
CA LEU B 343 19.36 19.75 15.64
C LEU B 343 19.81 19.49 17.08
N THR B 344 19.18 18.49 17.70
CA THR B 344 19.39 18.15 19.11
C THR B 344 20.87 18.13 19.56
N PRO B 345 21.77 17.45 18.81
CA PRO B 345 23.19 17.45 19.19
C PRO B 345 23.83 18.82 19.43
N HIS B 346 23.35 19.85 18.74
CA HIS B 346 23.95 21.19 18.81
C HIS B 346 23.26 22.18 19.76
N VAL B 347 22.35 21.70 20.59
CA VAL B 347 21.74 22.52 21.63
C VAL B 347 22.50 22.31 22.92
N ASP B 348 23.32 23.28 23.29
CA ASP B 348 24.13 23.20 24.51
C ASP B 348 23.24 23.25 25.75
N LYS B 349 22.56 24.39 25.91
CA LYS B 349 21.77 24.75 27.10
C LYS B 349 22.35 24.31 28.47
N ASP B 350 23.60 24.69 28.68
CA ASP B 350 24.00 25.22 29.97
C ASP B 350 23.77 26.73 29.83
N THR B 351 23.75 27.20 28.59
CA THR B 351 23.37 28.56 28.22
C THR B 351 22.36 28.48 27.07
N LYS B 352 21.28 29.28 27.15
CA LYS B 352 20.18 29.25 26.16
C LYS B 352 20.67 29.59 24.76
N THR B 353 21.30 28.61 24.11
CA THR B 353 21.99 28.82 22.84
C THR B 353 22.09 27.56 22.02
N LEU B 354 21.77 27.71 20.74
CA LEU B 354 22.14 26.76 19.72
C LEU B 354 23.54 27.17 19.23
N VAL B 355 24.48 26.23 19.26
CA VAL B 355 25.83 26.46 18.75
C VAL B 355 26.24 25.27 17.88
N MET B 356 26.37 25.52 16.58
CA MET B 356 26.61 24.47 15.60
C MET B 356 28.09 24.14 15.45
N LYS B 357 28.49 22.97 15.93
CA LYS B 357 29.87 22.52 15.81
C LYS B 357 30.22 22.29 14.34
N LEU B 358 31.35 22.86 13.90
CA LEU B 358 31.78 22.77 12.49
C LEU B 358 32.52 21.48 12.15
N GLU B 359 33.24 20.93 13.13
CA GLU B 359 33.90 19.63 12.97
C GLU B 359 32.90 18.48 12.77
N ASP B 360 31.67 18.66 13.24
CA ASP B 360 30.58 17.74 12.94
C ASP B 360 30.36 17.74 11.43
N GLU B 361 30.43 16.56 10.83
CA GLU B 361 30.39 16.40 9.38
C GLU B 361 29.00 16.68 8.78
N THR B 362 27.95 16.47 9.59
CA THR B 362 26.59 16.80 9.17
C THR B 362 26.49 18.31 8.93
N VAL B 363 27.06 19.08 9.85
CA VAL B 363 27.10 20.54 9.76
C VAL B 363 28.02 21.01 8.62
N SER B 364 29.09 20.26 8.38
CA SER B 364 29.99 20.52 7.26
C SER B 364 29.28 20.39 5.92
N GLY B 365 28.59 19.28 5.74
CA GLY B 365 27.98 18.91 4.45
C GLY B 365 26.74 19.70 4.10
N THR B 366 25.89 19.93 5.10
CA THR B 366 24.61 20.58 4.87
C THR B 366 24.64 22.11 4.82
N CYS B 367 25.63 22.73 5.45
CA CYS B 367 25.66 24.19 5.58
C CYS B 367 26.09 24.90 4.29
N VAL B 368 25.14 25.57 3.66
CA VAL B 368 25.34 26.17 2.35
C VAL B 368 25.83 27.62 2.45
N THR B 369 25.13 28.43 3.24
CA THR B 369 25.51 29.81 3.49
C THR B 369 25.47 30.09 4.98
N ARG B 370 26.25 31.08 5.39
CA ARG B 370 26.44 31.39 6.80
C ARG B 370 26.88 32.85 6.97
N ASP B 371 26.17 33.57 7.85
CA ASP B 371 26.55 34.93 8.27
C ASP B 371 26.74 35.93 7.12
N GLY B 372 25.95 35.78 6.07
CA GLY B 372 26.01 36.67 4.92
C GLY B 372 27.02 36.31 3.84
N ALA B 373 27.46 35.06 3.81
CA ALA B 373 28.39 34.59 2.77
C ALA B 373 28.23 33.10 2.50
N ILE B 374 28.41 32.72 1.24
CA ILE B 374 28.21 31.34 0.79
C ILE B 374 29.43 30.49 1.12
N VAL B 375 29.15 29.28 1.60
CA VAL B 375 30.14 28.43 2.26
C VAL B 375 30.46 27.14 1.49
N HIS B 376 29.44 26.48 0.94
CA HIS B 376 29.59 25.14 0.40
C HIS B 376 30.57 25.12 -0.78
N PRO B 377 31.49 24.15 -0.83
CA PRO B 377 32.40 24.04 -1.98
C PRO B 377 31.78 23.51 -3.28
N ALA B 378 30.46 23.33 -3.32
CA ALA B 378 29.77 22.90 -4.53
C ALA B 378 29.67 24.05 -5.53
N LEU B 379 29.45 25.27 -5.06
CA LEU B 379 29.58 26.47 -5.89
C LEU B 379 29.99 27.70 -5.07
N THR B 380 31.27 28.06 -5.15
CA THR B 380 31.81 29.30 -4.59
C THR B 380 32.80 29.95 -5.55
N SER C 30 40.10 -15.29 20.87
CA SER C 30 39.61 -15.68 19.50
C SER C 30 38.28 -16.43 19.57
N VAL C 31 37.92 -17.12 18.49
CA VAL C 31 36.52 -17.46 18.20
C VAL C 31 36.01 -18.74 18.87
N LYS C 32 34.77 -18.66 19.36
CA LYS C 32 34.00 -19.83 19.78
C LYS C 32 32.96 -20.14 18.71
N ALA C 33 32.56 -21.40 18.60
CA ALA C 33 31.58 -21.83 17.61
C ALA C 33 30.60 -22.82 18.23
N GLY C 34 29.53 -23.11 17.50
CA GLY C 34 28.49 -24.01 18.02
C GLY C 34 27.52 -24.51 16.97
N SER C 35 27.00 -25.71 17.22
CA SER C 35 26.06 -26.40 16.32
C SER C 35 24.61 -26.03 16.66
N ALA C 36 23.68 -26.53 15.86
CA ALA C 36 22.24 -26.36 16.14
C ALA C 36 21.82 -27.12 17.41
N GLU C 37 22.55 -28.19 17.71
CA GLU C 37 22.38 -28.93 18.96
C GLU C 37 22.82 -28.09 20.16
N ASP C 38 23.92 -27.35 19.98
CA ASP C 38 24.43 -26.43 21.02
C ASP C 38 23.45 -25.31 21.31
N ALA C 39 22.92 -24.69 20.25
CA ALA C 39 21.94 -23.61 20.38
C ALA C 39 20.59 -24.07 20.95
N ALA C 40 20.29 -25.35 20.76
CA ALA C 40 19.10 -25.96 21.35
C ALA C 40 19.26 -26.10 22.87
N PHE C 41 20.39 -26.65 23.31
CA PHE C 41 20.70 -26.79 24.74
C PHE C 41 20.63 -25.45 25.48
N ILE C 42 21.04 -24.37 24.81
CA ILE C 42 21.09 -23.03 25.41
C ILE C 42 19.70 -22.42 25.53
N MET C 43 18.97 -22.36 24.42
CA MET C 43 17.73 -21.60 24.34
C MET C 43 16.51 -22.32 24.93
N LYS C 44 16.47 -23.64 24.81
CA LYS C 44 15.37 -24.42 25.39
C LYS C 44 15.46 -24.39 26.92
N ASN C 45 16.67 -24.45 27.47
CA ASN C 45 16.91 -24.20 28.89
C ASN C 45 17.14 -22.71 29.16
N ALA C 46 16.11 -21.90 28.91
CA ALA C 46 16.17 -20.46 29.18
C ALA C 46 14.84 -19.97 29.72
N SER C 47 14.89 -18.84 30.44
CA SER C 47 13.68 -18.18 30.92
C SER C 47 13.26 -17.08 29.95
N LYS C 48 14.23 -16.30 29.48
CA LYS C 48 13.97 -15.22 28.53
C LYS C 48 15.03 -15.13 27.42
N VAL C 49 14.56 -15.29 26.19
CA VAL C 49 15.37 -15.04 24.99
C VAL C 49 14.71 -13.88 24.25
N ILE C 50 15.52 -13.04 23.62
CA ILE C 50 14.97 -12.04 22.71
C ILE C 50 15.70 -12.07 21.38
N ILE C 51 14.91 -12.03 20.31
CA ILE C 51 15.38 -12.29 18.96
C ILE C 51 15.75 -10.97 18.26
N VAL C 52 16.87 -11.00 17.55
CA VAL C 52 17.40 -9.81 16.90
C VAL C 52 17.56 -10.12 15.41
N PRO C 53 16.49 -9.89 14.62
CA PRO C 53 16.56 -10.16 13.19
C PRO C 53 17.36 -9.10 12.43
N GLY C 54 17.96 -9.51 11.33
CA GLY C 54 18.77 -8.63 10.50
C GLY C 54 18.81 -9.10 9.05
N TYR C 55 19.66 -8.47 8.26
CA TYR C 55 19.68 -8.68 6.80
C TYR C 55 19.82 -10.15 6.37
N GLY C 56 20.58 -10.92 7.15
CA GLY C 56 20.75 -12.34 6.87
C GLY C 56 19.47 -13.15 6.93
N MET C 57 18.59 -12.82 7.87
CA MET C 57 17.28 -13.48 7.96
C MET C 57 16.54 -13.29 6.65
N ALA C 58 16.50 -12.04 6.20
CA ALA C 58 15.84 -11.70 4.95
C ALA C 58 16.49 -12.40 3.76
N VAL C 59 17.82 -12.25 3.64
CA VAL C 59 18.59 -12.89 2.57
C VAL C 59 18.25 -14.37 2.44
N ALA C 60 18.29 -15.07 3.56
CA ALA C 60 18.00 -16.51 3.62
C ALA C 60 16.49 -16.83 3.71
N GLN C 61 15.64 -15.81 3.73
CA GLN C 61 14.19 -15.94 3.94
C GLN C 61 13.86 -16.95 5.04
N ALA C 62 14.26 -16.62 6.26
CA ALA C 62 14.26 -17.56 7.37
C ALA C 62 13.17 -17.22 8.37
N GLN C 63 12.09 -16.63 7.89
CA GLN C 63 11.18 -15.87 8.74
C GLN C 63 10.10 -16.77 9.33
N HIS C 64 9.69 -17.77 8.56
CA HIS C 64 8.66 -18.72 9.00
C HIS C 64 9.27 -19.73 9.97
N ALA C 65 10.52 -20.11 9.73
CA ALA C 65 11.30 -20.90 10.68
C ALA C 65 11.55 -20.13 11.98
N LEU C 66 11.74 -18.81 11.86
CA LEU C 66 12.02 -17.96 13.04
C LEU C 66 10.81 -17.81 13.96
N ARG C 67 9.61 -17.66 13.39
CA ARG C 67 8.40 -17.71 14.21
C ARG C 67 8.29 -19.08 14.86
N GLU C 68 8.54 -20.13 14.07
CA GLU C 68 8.44 -21.51 14.54
C GLU C 68 9.36 -21.79 15.72
N MET C 69 10.58 -21.27 15.66
CA MET C 69 11.52 -21.36 16.78
C MET C 69 11.01 -20.56 17.99
N ALA C 70 10.40 -19.40 17.71
CA ALA C 70 9.74 -18.60 18.75
C ALA C 70 8.43 -19.23 19.26
N ASP C 71 7.77 -20.03 18.42
CA ASP C 71 6.57 -20.78 18.85
C ASP C 71 6.94 -21.92 19.79
N VAL C 72 8.02 -22.63 19.46
CA VAL C 72 8.53 -23.71 20.30
C VAL C 72 8.94 -23.17 21.68
N LEU C 73 9.65 -22.05 21.69
CA LEU C 73 10.04 -21.40 22.94
C LEU C 73 8.85 -20.85 23.73
N LYS C 74 7.82 -20.36 23.03
CA LYS C 74 6.58 -19.91 23.69
C LYS C 74 5.82 -21.08 24.33
N LYS C 75 5.82 -22.22 23.67
CA LYS C 75 5.17 -23.43 24.19
C LYS C 75 5.93 -24.02 25.40
N GLU C 76 7.26 -23.96 25.37
CA GLU C 76 8.12 -24.44 26.45
C GLU C 76 7.99 -23.61 27.75
N GLY C 77 7.52 -22.37 27.61
CA GLY C 77 7.34 -21.45 28.73
C GLY C 77 8.41 -20.37 28.81
N VAL C 78 9.12 -20.16 27.71
CA VAL C 78 10.22 -19.22 27.66
C VAL C 78 9.66 -17.90 27.15
N GLU C 79 10.17 -16.78 27.67
CA GLU C 79 9.75 -15.47 27.22
C GLU C 79 10.41 -15.14 25.89
N VAL C 80 9.64 -14.54 25.00
CA VAL C 80 10.09 -14.25 23.64
C VAL C 80 9.69 -12.82 23.25
N SER C 81 10.64 -12.10 22.67
CA SER C 81 10.36 -10.81 22.04
C SER C 81 11.33 -10.55 20.89
N TYR C 82 10.89 -9.72 19.94
CA TYR C 82 11.69 -9.36 18.78
C TYR C 82 12.19 -7.93 18.97
N ALA C 83 13.50 -7.74 18.78
CA ALA C 83 14.14 -6.43 18.90
C ALA C 83 14.54 -5.91 17.52
N ILE C 84 13.74 -4.99 16.97
CA ILE C 84 13.99 -4.44 15.65
C ILE C 84 14.77 -3.14 15.74
N HIS C 85 16.07 -3.21 15.43
CA HIS C 85 16.89 -2.02 15.30
C HIS C 85 16.25 -1.20 14.17
N PRO C 86 16.14 0.12 14.35
CA PRO C 86 15.44 0.90 13.33
C PRO C 86 16.04 0.83 11.91
N VAL C 87 17.32 0.49 11.81
CA VAL C 87 18.05 0.46 10.55
C VAL C 87 18.56 -0.96 10.19
N ALA C 88 17.87 -1.99 10.66
CA ALA C 88 18.22 -3.37 10.34
C ALA C 88 17.64 -3.76 8.97
N GLY C 89 18.44 -4.48 8.18
CA GLY C 89 18.08 -4.86 6.81
C GLY C 89 18.74 -3.89 5.83
N ARG C 90 18.12 -3.69 4.67
CA ARG C 90 18.58 -2.71 3.69
C ARG C 90 17.53 -1.65 3.33
N MET C 91 16.45 -1.58 4.10
CA MET C 91 15.42 -0.56 3.91
C MET C 91 14.63 -0.36 5.20
N PRO C 92 13.90 0.77 5.30
CA PRO C 92 12.96 0.88 6.41
C PRO C 92 11.89 -0.22 6.32
N GLY C 93 11.41 -0.66 7.48
CA GLY C 93 10.35 -1.66 7.54
C GLY C 93 10.70 -3.04 6.97
N HIS C 94 11.99 -3.34 6.86
CA HIS C 94 12.45 -4.60 6.25
C HIS C 94 12.09 -5.78 7.13
N MET C 95 12.51 -5.73 8.39
CA MET C 95 12.24 -6.84 9.30
C MET C 95 10.75 -6.94 9.60
N ASN C 96 10.04 -5.81 9.60
CA ASN C 96 8.60 -5.80 9.87
C ASN C 96 7.79 -6.57 8.83
N VAL C 97 8.05 -6.30 7.56
CA VAL C 97 7.28 -6.93 6.48
C VAL C 97 7.47 -8.44 6.44
N LEU C 98 8.70 -8.88 6.67
CA LEU C 98 9.02 -10.31 6.65
C LEU C 98 8.53 -11.03 7.89
N LEU C 99 8.61 -10.36 9.05
CA LEU C 99 8.03 -10.89 10.29
C LEU C 99 6.51 -10.92 10.19
N ALA C 100 5.93 -9.97 9.46
CA ALA C 100 4.49 -9.95 9.22
C ALA C 100 4.09 -11.05 8.21
N GLU C 101 4.91 -11.29 7.20
CA GLU C 101 4.67 -12.40 6.27
C GLU C 101 4.56 -13.70 7.04
N ALA C 102 5.53 -13.91 7.94
CA ALA C 102 5.54 -15.07 8.83
C ALA C 102 4.54 -15.00 10.00
N ASN C 103 3.73 -13.94 10.06
CA ASN C 103 2.59 -13.88 10.97
C ASN C 103 3.00 -13.78 12.45
N VAL C 104 4.05 -13.03 12.70
CA VAL C 104 4.44 -12.62 14.05
C VAL C 104 3.45 -11.51 14.44
N PRO C 105 2.89 -11.58 15.66
CA PRO C 105 1.96 -10.52 16.04
C PRO C 105 2.72 -9.29 16.52
N TYR C 106 2.20 -8.11 16.22
CA TYR C 106 2.84 -6.84 16.61
C TYR C 106 3.16 -6.76 18.12
N ASP C 107 2.31 -7.39 18.94
CA ASP C 107 2.50 -7.51 20.39
C ASP C 107 3.93 -7.81 20.85
N GLU C 108 4.59 -8.72 20.14
CA GLU C 108 5.91 -9.21 20.51
C GLU C 108 7.06 -8.42 19.87
N VAL C 109 6.73 -7.54 18.93
CA VAL C 109 7.74 -6.76 18.20
C VAL C 109 7.93 -5.41 18.89
N PHE C 110 9.19 -5.08 19.21
CA PHE C 110 9.54 -3.81 19.86
C PHE C 110 10.73 -3.13 19.19
N GLU C 111 10.70 -1.80 19.15
CA GLU C 111 11.80 -1.00 18.57
C GLU C 111 12.94 -0.85 19.57
N LEU C 112 14.12 -0.51 19.05
CA LEU C 112 15.34 -0.32 19.86
C LEU C 112 15.13 0.59 21.07
N GLU C 113 14.44 1.70 20.84
CA GLU C 113 14.26 2.76 21.83
C GLU C 113 13.45 2.34 23.07
N GLU C 114 12.72 1.23 22.99
CA GLU C 114 11.99 0.70 24.14
C GLU C 114 12.24 -0.79 24.36
N ILE C 115 13.50 -1.21 24.25
CA ILE C 115 13.86 -2.62 24.47
C ILE C 115 15.27 -2.85 25.00
N ASN C 116 16.30 -2.32 24.29
CA ASN C 116 17.67 -2.62 24.67
C ASN C 116 18.03 -1.81 25.93
N SER C 117 17.08 -1.80 27.25
CA SER C 117 17.30 -2.01 28.72
C SER C 117 16.99 -3.45 29.14
N SER C 118 16.10 -4.10 28.39
CA SER C 118 15.60 -5.44 28.70
C SER C 118 16.58 -6.59 28.41
N PHE C 119 17.69 -6.30 27.72
CA PHE C 119 18.70 -7.32 27.40
C PHE C 119 19.39 -7.92 28.62
N GLN C 120 19.66 -7.09 29.63
CA GLN C 120 20.27 -7.58 30.88
C GLN C 120 19.32 -8.47 31.68
N THR C 121 18.02 -8.31 31.49
CA THR C 121 17.01 -9.23 32.02
C THR C 121 16.62 -10.22 30.92
N ALA C 122 17.62 -10.93 30.39
CA ALA C 122 17.42 -11.89 29.31
C ALA C 122 18.66 -12.79 29.21
N ASP C 123 18.42 -14.10 29.20
CA ASP C 123 19.50 -15.08 29.26
C ASP C 123 20.24 -15.25 27.93
N VAL C 124 19.47 -15.28 26.84
CA VAL C 124 20.04 -15.46 25.50
C VAL C 124 19.68 -14.29 24.59
N ALA C 125 20.67 -13.84 23.83
CA ALA C 125 20.46 -12.85 22.78
C ALA C 125 20.61 -13.55 21.44
N PHE C 126 19.48 -13.92 20.85
CA PHE C 126 19.48 -14.61 19.57
C PHE C 126 19.60 -13.62 18.42
N VAL C 127 20.79 -13.55 17.84
CA VAL C 127 21.09 -12.65 16.73
C VAL C 127 21.11 -13.45 15.43
N ILE C 128 20.16 -13.14 14.53
CA ILE C 128 20.02 -13.87 13.27
C ILE C 128 20.19 -12.89 12.11
N GLY C 129 21.28 -13.07 11.35
CA GLY C 129 21.58 -12.21 10.20
C GLY C 129 22.01 -10.79 10.50
N ALA C 130 22.30 -10.48 11.75
CA ALA C 130 22.67 -9.14 12.18
C ALA C 130 24.11 -9.13 12.69
N ASN C 131 24.80 -8.02 12.48
CA ASN C 131 26.24 -7.92 12.72
C ASN C 131 26.65 -6.46 13.02
N ASP C 132 26.30 -5.55 12.12
CA ASP C 132 26.54 -4.11 12.32
C ASP C 132 25.73 -3.52 13.46
N VAL C 133 24.43 -3.85 13.50
CA VAL C 133 23.49 -3.28 14.50
C VAL C 133 23.72 -3.77 15.95
N THR C 134 24.57 -4.77 16.13
CA THR C 134 24.97 -5.25 17.46
C THR C 134 26.35 -4.74 17.90
N ASN C 135 27.14 -4.27 16.94
CA ASN C 135 28.53 -3.88 17.17
C ASN C 135 28.65 -2.74 18.21
N PRO C 136 29.34 -3.00 19.34
CA PRO C 136 29.51 -1.94 20.35
C PRO C 136 30.56 -0.87 20.01
N ALA C 137 31.26 -1.02 18.88
CA ALA C 137 32.19 0.01 18.38
C ALA C 137 31.47 1.31 17.96
N ALA C 138 30.16 1.23 17.77
CA ALA C 138 29.30 2.39 17.58
C ALA C 138 29.39 3.40 18.73
N LYS C 139 29.60 2.88 19.94
CA LYS C 139 29.73 3.70 21.14
C LYS C 139 31.11 3.53 21.76
N THR C 140 32.15 3.67 20.93
CA THR C 140 33.54 3.54 21.38
C THR C 140 34.46 4.48 20.61
N ASP C 141 34.75 4.15 19.35
CA ASP C 141 35.86 4.77 18.62
C ASP C 141 35.42 5.37 17.28
N PRO C 142 35.99 6.54 16.92
CA PRO C 142 35.75 7.17 15.62
C PRO C 142 36.64 6.62 14.51
N SER C 143 37.45 5.61 14.82
CA SER C 143 38.15 4.83 13.81
C SER C 143 37.20 3.93 12.98
N SER C 144 35.96 3.76 13.45
CA SER C 144 34.91 3.06 12.70
C SER C 144 33.89 4.05 12.14
N PRO C 145 33.27 3.71 10.99
CA PRO C 145 32.14 4.48 10.44
C PRO C 145 30.80 4.15 11.09
N ILE C 146 30.79 3.09 11.90
CA ILE C 146 29.64 2.71 12.71
C ILE C 146 29.47 3.65 13.93
N TYR C 147 30.54 4.37 14.29
CA TYR C 147 30.56 5.33 15.41
C TYR C 147 29.38 6.29 15.41
N GLY C 148 28.79 6.49 16.59
CA GLY C 148 27.69 7.45 16.79
C GLY C 148 26.30 6.85 16.68
N MET C 149 26.14 5.90 15.76
CA MET C 149 24.87 5.22 15.53
C MET C 149 24.41 4.47 16.78
N PRO C 150 23.11 4.54 17.12
CA PRO C 150 22.60 3.66 18.18
C PRO C 150 22.66 2.19 17.79
N ILE C 151 22.87 1.32 18.77
CA ILE C 151 22.99 -0.12 18.55
C ILE C 151 22.29 -0.89 19.65
N LEU C 152 21.84 -2.10 19.34
CA LEU C 152 21.20 -2.98 20.31
C LEU C 152 22.27 -3.56 21.25
N ASP C 153 22.06 -3.43 22.55
CA ASP C 153 23.02 -3.89 23.56
C ASP C 153 22.90 -5.39 23.82
N VAL C 154 23.33 -6.19 22.84
CA VAL C 154 23.22 -7.65 22.93
C VAL C 154 24.18 -8.26 23.95
N GLU C 155 25.33 -7.60 24.13
CA GLU C 155 26.32 -8.00 25.12
C GLU C 155 25.76 -8.05 26.55
N LYS C 156 24.74 -7.23 26.83
CA LYS C 156 24.11 -7.19 28.15
C LYS C 156 23.44 -8.51 28.53
N ALA C 157 22.96 -9.25 27.53
CA ALA C 157 22.43 -10.60 27.74
C ALA C 157 23.55 -11.56 28.13
N GLY C 158 23.19 -12.64 28.82
CA GLY C 158 24.16 -13.63 29.30
C GLY C 158 25.04 -14.23 28.21
N THR C 159 24.39 -14.76 27.17
CA THR C 159 25.09 -15.39 26.06
C THR C 159 24.53 -14.88 24.73
N VAL C 160 25.42 -14.65 23.76
CA VAL C 160 25.06 -14.01 22.48
C VAL C 160 25.20 -15.00 21.31
N LEU C 161 24.07 -15.40 20.75
CA LEU C 161 24.06 -16.34 19.61
C LEU C 161 23.96 -15.60 18.27
N PHE C 162 25.11 -15.47 17.61
CA PHE C 162 25.18 -15.00 16.22
C PHE C 162 24.89 -16.15 15.26
N ILE C 163 24.28 -15.84 14.12
CA ILE C 163 24.14 -16.77 13.00
C ILE C 163 24.46 -16.02 11.71
N LYS C 164 25.67 -16.25 11.20
CA LYS C 164 26.03 -15.81 9.85
C LYS C 164 26.82 -16.94 9.21
N ARG C 165 27.05 -16.85 7.91
CA ARG C 165 27.69 -17.95 7.16
C ARG C 165 29.18 -18.03 7.45
N SER C 166 29.84 -16.88 7.44
CA SER C 166 31.29 -16.79 7.46
C SER C 166 31.77 -15.74 8.48
N MET C 167 33.07 -15.47 8.45
CA MET C 167 33.67 -14.38 9.24
C MET C 167 33.55 -13.02 8.55
N ALA C 168 32.96 -13.00 7.36
CA ALA C 168 32.89 -11.80 6.53
C ALA C 168 32.22 -10.62 7.23
N SER C 169 32.53 -9.42 6.72
CA SER C 169 32.06 -8.18 7.31
C SER C 169 30.58 -7.98 7.09
N GLY C 170 30.04 -6.95 7.73
CA GLY C 170 28.69 -6.51 7.54
C GLY C 170 28.62 -5.50 6.41
N TYR C 171 27.57 -4.69 6.40
CA TYR C 171 27.43 -3.62 5.41
C TYR C 171 28.59 -2.62 5.48
N ALA C 172 29.06 -2.35 6.70
CA ALA C 172 30.10 -1.34 6.94
C ALA C 172 31.49 -1.70 6.39
N GLY C 173 31.79 -2.99 6.32
CA GLY C 173 33.13 -3.46 5.95
C GLY C 173 34.10 -3.44 7.13
N VAL C 174 33.54 -3.64 8.32
CA VAL C 174 34.29 -3.61 9.57
C VAL C 174 33.84 -4.81 10.41
N GLU C 175 34.76 -5.40 11.16
CA GLU C 175 34.47 -6.59 11.96
C GLU C 175 33.97 -6.23 13.36
N ASN C 176 33.00 -7.02 13.83
CA ASN C 176 32.48 -6.89 15.19
C ASN C 176 33.53 -7.41 16.17
N GLU C 177 33.73 -6.68 17.26
CA GLU C 177 34.60 -7.14 18.35
C GLU C 177 33.95 -8.27 19.15
N LEU C 178 32.61 -8.38 19.10
CA LEU C 178 31.88 -9.47 19.75
C LEU C 178 32.31 -10.87 19.27
N PHE C 179 32.79 -10.97 18.03
CA PHE C 179 33.32 -12.22 17.50
C PHE C 179 34.51 -12.76 18.30
N PHE C 180 35.39 -11.86 18.73
CA PHE C 180 36.60 -12.23 19.47
C PHE C 180 36.38 -12.04 20.97
N ARG C 181 35.21 -12.42 21.48
CA ARG C 181 34.74 -11.92 22.77
C ARG C 181 33.68 -12.79 23.44
N ASN C 182 33.50 -12.55 24.73
CA ASN C 182 32.23 -12.76 25.43
C ASN C 182 31.84 -14.22 25.62
N ASN C 183 30.59 -14.40 26.05
CA ASN C 183 29.81 -15.57 25.67
C ASN C 183 29.12 -15.25 24.35
N THR C 184 29.93 -15.19 23.30
CA THR C 184 29.47 -15.06 21.93
C THR C 184 29.76 -16.39 21.24
N MET C 185 28.78 -16.89 20.48
CA MET C 185 28.96 -18.11 19.69
C MET C 185 28.67 -17.81 18.22
N MET C 186 29.56 -18.32 17.36
CA MET C 186 29.39 -18.22 15.90
C MET C 186 28.75 -19.52 15.40
N LEU C 187 27.43 -19.46 15.23
CA LEU C 187 26.68 -20.58 14.65
C LEU C 187 26.79 -20.47 13.13
N PHE C 188 27.87 -21.03 12.57
CA PHE C 188 28.23 -20.82 11.16
C PHE C 188 27.37 -21.59 10.17
N GLY C 189 26.62 -20.86 9.35
CA GLY C 189 25.80 -21.46 8.30
C GLY C 189 24.69 -20.55 7.82
N ASP C 190 23.76 -21.12 7.03
CA ASP C 190 22.64 -20.37 6.48
C ASP C 190 21.52 -20.22 7.51
N ALA C 191 20.89 -19.05 7.53
CA ALA C 191 19.99 -18.66 8.62
C ALA C 191 18.68 -19.43 8.62
N LYS C 192 18.16 -19.76 7.43
CA LYS C 192 16.95 -20.56 7.31
C LYS C 192 17.21 -21.99 7.77
N LYS C 193 18.31 -22.56 7.29
CA LYS C 193 18.65 -23.95 7.57
C LYS C 193 19.08 -24.19 9.02
N MET C 194 19.88 -23.29 9.59
CA MET C 194 20.33 -23.47 10.97
C MET C 194 19.23 -23.15 11.98
N THR C 195 18.32 -22.24 11.64
CA THR C 195 17.10 -22.04 12.45
C THR C 195 16.20 -23.29 12.33
N GLU C 196 16.13 -23.86 11.13
CA GLU C 196 15.37 -25.12 10.91
C GLU C 196 15.96 -26.30 11.69
N GLN C 197 17.28 -26.42 11.66
CA GLN C 197 17.99 -27.49 12.39
C GLN C 197 17.83 -27.35 13.90
N ILE C 198 17.81 -26.09 14.38
CA ILE C 198 17.55 -25.80 15.79
C ILE C 198 16.15 -26.25 16.20
N VAL C 199 15.15 -25.88 15.39
CA VAL C 199 13.75 -26.24 15.67
C VAL C 199 13.58 -27.76 15.79
N GLN C 200 14.28 -28.51 14.95
CA GLN C 200 14.26 -29.96 15.00
C GLN C 200 14.91 -30.51 16.28
N ALA C 201 16.00 -29.87 16.71
CA ALA C 201 16.69 -30.27 17.94
C ALA C 201 15.87 -30.00 19.21
N MET C 202 15.03 -28.97 19.16
CA MET C 202 14.10 -28.65 20.26
C MET C 202 12.85 -29.53 20.27
N ASN C 203 12.60 -30.21 19.14
CA ASN C 203 11.31 -30.88 18.88
C ASN C 203 10.18 -29.86 18.79
PA NAI D . -25.01 -9.31 2.18
O1A NAI D . -24.38 -8.78 0.94
O2A NAI D . -26.49 -9.40 2.05
O5B NAI D . -24.60 -8.39 3.43
C5B NAI D . -23.25 -8.28 3.81
C4B NAI D . -22.98 -8.74 5.24
O4B NAI D . -23.34 -7.70 6.12
C3B NAI D . -23.71 -9.98 5.73
O3B NAI D . -22.79 -10.99 5.98
C2B NAI D . -24.40 -9.58 7.02
O2B NAI D . -24.09 -10.49 8.06
C1B NAI D . -23.86 -8.20 7.34
N9A NAI D . -24.87 -7.26 7.86
C8A NAI D . -26.08 -6.92 7.32
N7A NAI D . -26.69 -6.01 8.11
C5A NAI D . -25.86 -5.74 9.16
C6A NAI D . -25.96 -4.89 10.27
N6A NAI D . -27.00 -4.08 10.40
N1A NAI D . -24.92 -4.84 11.19
C2A NAI D . -23.80 -5.62 11.01
N3A NAI D . -23.71 -6.46 9.91
C4A NAI D . -24.72 -6.52 9.01
O3 NAI D . -24.37 -10.73 2.60
PN NAI D . -23.38 -11.61 1.69
O1N NAI D . -21.99 -11.17 1.88
O2N NAI D . -23.93 -11.70 0.32
O5D NAI D . -23.53 -13.04 2.39
C5D NAI D . -23.34 -13.21 3.78
C4D NAI D . -23.14 -14.69 4.07
O4D NAI D . -24.01 -15.45 3.25
C3D NAI D . -21.72 -15.15 3.78
O3D NAI D . -21.00 -15.39 4.97
C2D NAI D . -21.86 -16.42 2.96
O2D NAI D . -21.34 -17.54 3.65
C1D NAI D . -23.36 -16.59 2.73
N1N NAI D . -23.63 -16.77 1.29
C2N NAI D . -24.08 -17.99 0.83
C3N NAI D . -24.33 -18.18 -0.52
C7N NAI D . -24.76 -19.55 -1.00
O7N NAI D . -24.46 -20.68 -0.22
N7N NAI D . -25.43 -19.67 -2.15
C4N NAI D . -24.08 -17.13 -1.42
C5N NAI D . -23.62 -15.92 -0.95
C6N NAI D . -23.39 -15.75 0.41
PA NAI E . 18.65 6.47 -6.13
O1A NAI E . 17.37 7.28 -6.04
O2A NAI E . 19.97 7.18 -6.22
O5B NAI E . 18.55 5.48 -7.39
C5B NAI E . 17.63 4.39 -7.39
C4B NAI E . 18.26 3.08 -7.87
O4B NAI E . 18.27 3.09 -9.29
C3B NAI E . 19.69 2.81 -7.44
O3B NAI E . 19.89 1.35 -7.03
C2B NAI E . 20.52 2.73 -8.71
O2B NAI E . 21.48 1.69 -8.72
C1B NAI E . 19.47 2.50 -9.78
N9A NAI E . 19.75 3.10 -11.12
C8A NAI E . 20.08 4.38 -11.42
N7A NAI E . 20.20 4.58 -12.77
C5A NAI E . 19.93 3.39 -13.36
C6A NAI E . 19.85 2.80 -14.71
N6A NAI E . 20.10 3.56 -15.81
N1A NAI E . 19.51 1.48 -14.83
C2A NAI E . 19.24 0.67 -13.80
N3A NAI E . 19.29 1.10 -12.53
C4A NAI E . 19.63 2.48 -12.28
O3 NAI E . 18.71 5.43 -4.88
PN NAI E . 18.91 5.87 -3.34
O1N NAI E . 17.59 6.36 -2.81
O2N NAI E . 20.14 6.74 -3.25
O5D NAI E . 19.25 4.48 -2.61
C5D NAI E . 20.26 3.60 -3.10
C4D NAI E . 20.89 2.75 -1.99
O4D NAI E . 21.62 3.57 -1.08
C3D NAI E . 19.87 1.95 -1.15
O3D NAI E . 19.88 0.58 -1.52
C2D NAI E . 20.30 2.13 0.29
O2D NAI E . 20.74 0.90 0.86
C1D NAI E . 21.45 3.13 0.28
N1N NAI E . 21.10 4.26 1.13
C2N NAI E . 21.95 4.56 2.30
C3N NAI E . 21.68 5.60 3.10
C7N NAI E . 22.53 5.91 4.28
O7N NAI E . 23.24 5.02 4.74
N7N NAI E . 22.53 7.12 4.86
C4N NAI E . 20.48 6.42 2.74
C5N NAI E . 19.61 6.13 1.55
C6N NAI E . 19.93 5.10 0.80
PA NDP F . 24.56 -6.44 8.37
O1A NDP F . 25.94 -6.62 8.83
O2A NDP F . 24.46 -5.17 7.64
O5B NDP F . 24.13 -7.66 7.41
C5B NDP F . 25.06 -8.45 6.74
C4B NDP F . 25.40 -9.67 7.59
O4B NDP F . 24.47 -10.71 7.38
C3B NDP F . 26.80 -10.19 7.26
O3B NDP F . 27.63 -10.18 8.41
C2B NDP F . 26.56 -11.59 6.74
O2B NDP F . 27.53 -12.49 7.24
C1B NDP F . 25.15 -11.95 7.20
N9A NDP F . 24.47 -12.84 6.24
C8A NDP F . 24.39 -12.72 4.88
N7A NDP F . 23.69 -13.76 4.38
C5A NDP F . 23.31 -14.56 5.40
C6A NDP F . 22.58 -15.74 5.45
N6A NDP F . 22.29 -16.38 4.32
N1A NDP F . 22.35 -16.35 6.66
C2A NDP F . 22.83 -15.78 7.82
N3A NDP F . 23.56 -14.60 7.76
C4A NDP F . 23.80 -14.00 6.57
O3 NDP F . 23.55 -6.59 9.64
PN NDP F . 22.23 -5.69 9.83
O1N NDP F . 21.65 -6.02 11.16
O2N NDP F . 21.35 -5.82 8.65
O5D NDP F . 22.83 -4.19 9.85
C5D NDP F . 22.24 -3.07 9.21
C4D NDP F . 23.28 -2.29 8.42
O4D NDP F . 22.77 -1.98 7.13
C3D NDP F . 23.71 -0.96 9.06
O3D NDP F . 25.12 -0.84 9.07
C2D NDP F . 23.13 0.11 8.17
O2D NDP F . 23.97 1.23 8.08
C1D NDP F . 23.01 -0.61 6.84
N1N NDP F . 21.97 0.00 6.00
C2N NDP F . 20.65 -0.18 6.33
C3N NDP F . 19.65 0.40 5.56
C7N NDP F . 18.22 0.32 5.99
O7N NDP F . 17.34 1.33 5.53
N7N NDP F . 17.76 -0.67 6.78
C4N NDP F . 20.00 1.16 4.46
C5N NDP F . 21.33 1.35 4.13
C6N NDP F . 22.32 0.76 4.92
P2B NDP F . 28.11 -13.67 6.31
O1X NDP F . 29.19 -14.36 7.09
O2X NDP F . 27.00 -14.64 6.04
O3X NDP F . 28.68 -13.11 5.03
#